data_5VMA
#
_entry.id   5VMA
#
_cell.length_a   98.891
_cell.length_b   98.891
_cell.length_c   216.799
_cell.angle_alpha   90.00
_cell.angle_beta   90.00
_cell.angle_gamma   90.00
#
_symmetry.space_group_name_H-M   'P 43 21 2'
#
loop_
_entity.id
_entity.type
_entity.pdbx_description
1 polymer 'Glycoside hydrolase'
2 non-polymer '(3R,4R,5R)-3-hydroxy-5-(hydroxymethyl)piperidin-4-yl 4-O-beta-D-glucopyranosyl-beta-D-glucopyranoside'
3 non-polymer '(3R,4R,5R)-3-hydroxy-5-(hydroxymethyl)piperidin-4-yl beta-D-glucopyranoside'
4 non-polymer 'CALCIUM ION'
5 non-polymer 'SODIUM ION'
6 non-polymer 1,2-ETHANEDIOL
7 non-polymer 'MALONATE ION'
8 non-polymer 'ACETATE ION'
9 water water
#
_entity_poly.entity_id   1
_entity_poly.type   'polypeptide(L)'
_entity_poly.pdbx_seq_one_letter_code
;MSNKERFLTLYHQIKSDANGYFSPEGIPYHSIETLICEAPDYGHMTTSEAYSYWLWLEVLYGHYTRDWSKLEAAWDNMEK
YIIPVNEDGNDEQPHMSAYNPSSPATYASEKPYPDQYPSQLSGARPAGQDPIDGELKSTYGTNETYLMHWLLDVDNWYKY
GNLLNPSHKAAYVNTFQRGQQESVWEAIPHPSQDDKSFGKPNEGFMSLFTKENQVPAAQWRYTNATDADARAIQAIYWAK
ELGYNNSTYLDKAKKMGDFLRYGMYDKYFQTIGSGKQGNPYPGNGKGACHYLMAWYTSWGGGLGDYANWSWRIGASHCHQ
GYQNPVAAYALSSDKGGLKPSSATGASDWEKTLKRQLEFYVWLQSKEGAIAGGATNSWNGDYSAYPAGRSTFYDMAYEDA
PVYHDPPSNNWFGMQAWPMERVAELYYIFVKDGDKTSENVQMAKSCITKWVNYALDYIFIGSRPVSDEEGYFLDDQGRRI
LGGTNATVATTSAPGEFWLPGNIAWSGQPDTWNGFQSATGNPNLTAVTKDPTQDTGVLGSLVKAFTFFAAATKLETGNYT
ALGVRAKDAAAQLLEVAWNYNDGVGIVTEEEREDYDRFFKKEVYFPNGWNGTFGQGNQIPGSSTIPSDPQRGGNGVYTSF
ADLRPNIKQDPAWSSLESKYQSSFNEATGKWENGAPVFTYHRFWSQVDMATAYAEYHRLINLEHHHHHH
;
_entity_poly.pdbx_strand_id   A
#
# COMPACT_ATOMS: atom_id res chain seq x y z
N SER A 2 -17.40 -17.75 21.42
CA SER A 2 -15.97 -18.17 21.36
C SER A 2 -15.28 -17.41 20.20
N ASN A 3 -14.22 -16.68 20.50
CA ASN A 3 -13.54 -15.96 19.44
C ASN A 3 -12.88 -16.89 18.45
N LYS A 4 -12.43 -18.04 18.92
CA LYS A 4 -11.91 -19.06 18.03
C LYS A 4 -12.96 -19.50 17.01
N GLU A 5 -14.20 -19.72 17.44
CA GLU A 5 -15.26 -20.18 16.60
C GLU A 5 -15.71 -19.12 15.62
N ARG A 6 -15.70 -17.88 16.11
CA ARG A 6 -15.92 -16.72 15.24
C ARG A 6 -14.90 -16.63 14.12
N PHE A 7 -13.63 -16.82 14.42
CA PHE A 7 -12.60 -16.82 13.40
C PHE A 7 -12.91 -17.96 12.38
N LEU A 8 -13.20 -19.15 12.90
CA LEU A 8 -13.46 -20.28 12.03
C LEU A 8 -14.67 -20.09 11.14
N THR A 9 -15.71 -19.49 11.65
CA THR A 9 -16.87 -19.19 10.86
C THR A 9 -16.57 -18.20 9.76
N LEU A 10 -15.82 -17.14 10.08
CA LEU A 10 -15.47 -16.19 9.01
C LEU A 10 -14.51 -16.80 8.03
N TYR A 11 -13.57 -17.61 8.52
CA TYR A 11 -12.63 -18.29 7.63
C TYR A 11 -13.43 -19.09 6.56
N HIS A 12 -14.39 -19.89 7.02
CA HIS A 12 -15.26 -20.67 6.08
C HIS A 12 -16.11 -19.81 5.14
N GLN A 13 -16.62 -18.69 5.62
CA GLN A 13 -17.32 -17.74 4.76
C GLN A 13 -16.44 -17.15 3.61
N ILE A 14 -15.17 -16.92 3.95
CA ILE A 14 -14.24 -16.35 3.02
C ILE A 14 -13.86 -17.40 2.00
N LYS A 15 -13.54 -18.58 2.46
CA LYS A 15 -13.14 -19.68 1.59
C LYS A 15 -14.23 -20.41 0.81
N SER A 16 -15.50 -20.16 1.09
CA SER A 16 -16.57 -20.91 0.49
C SER A 16 -16.72 -20.60 -1.01
N ASP A 17 -16.72 -21.62 -1.85
CA ASP A 17 -16.99 -21.48 -3.28
C ASP A 17 -18.33 -20.83 -3.58
N ALA A 18 -19.30 -20.93 -2.70
CA ALA A 18 -20.53 -20.29 -2.93
C ALA A 18 -20.46 -18.78 -2.75
N ASN A 19 -19.48 -18.21 -2.05
CA ASN A 19 -19.55 -16.76 -1.77
C ASN A 19 -18.90 -15.88 -2.84
N GLY A 20 -17.99 -16.40 -3.62
CA GLY A 20 -17.41 -15.58 -4.70
C GLY A 20 -16.24 -14.62 -4.31
N TYR A 21 -15.58 -14.84 -3.17
CA TYR A 21 -14.32 -14.09 -2.87
C TYR A 21 -13.22 -14.46 -3.83
N PHE A 22 -13.25 -15.69 -4.33
CA PHE A 22 -12.21 -16.21 -5.20
C PHE A 22 -12.70 -16.43 -6.64
N SER A 23 -11.81 -16.29 -7.62
CA SER A 23 -12.18 -16.59 -9.00
C SER A 23 -12.16 -18.13 -9.21
N PRO A 24 -12.59 -18.61 -10.37
CA PRO A 24 -12.55 -20.09 -10.62
C PRO A 24 -11.17 -20.68 -10.71
N GLU A 25 -10.13 -19.86 -10.85
CA GLU A 25 -8.79 -20.28 -10.84
C GLU A 25 -8.21 -20.26 -9.44
N GLY A 26 -9.02 -19.97 -8.42
CA GLY A 26 -8.53 -19.96 -7.06
C GLY A 26 -7.77 -18.71 -6.60
N ILE A 27 -7.95 -17.58 -7.32
CA ILE A 27 -7.22 -16.29 -7.06
C ILE A 27 -8.25 -15.42 -6.30
N PRO A 28 -7.86 -14.80 -5.17
CA PRO A 28 -8.79 -13.94 -4.44
C PRO A 28 -8.93 -12.62 -5.17
N TYR A 29 -10.15 -12.12 -5.25
CA TYR A 29 -10.46 -10.84 -5.84
C TYR A 29 -10.22 -9.70 -4.83
N HIS A 30 -10.14 -8.46 -5.32
CA HIS A 30 -10.18 -7.33 -4.42
C HIS A 30 -11.46 -7.37 -3.55
N SER A 31 -12.57 -7.63 -4.23
CA SER A 31 -13.88 -7.69 -3.58
C SER A 31 -14.84 -8.57 -4.35
N ILE A 32 -15.88 -9.09 -3.67
CA ILE A 32 -16.91 -9.86 -4.36
C ILE A 32 -17.62 -9.00 -5.40
N GLU A 33 -17.95 -7.77 -5.03
CA GLU A 33 -18.61 -6.90 -5.93
C GLU A 33 -17.64 -6.40 -7.02
N THR A 34 -18.15 -6.17 -8.22
CA THR A 34 -17.35 -5.65 -9.29
C THR A 34 -17.23 -4.17 -9.39
N LEU A 35 -18.36 -3.47 -9.24
CA LEU A 35 -18.36 -2.01 -9.35
C LEU A 35 -17.91 -1.32 -8.05
N ILE A 36 -16.64 -0.99 -8.05
CA ILE A 36 -15.91 -0.37 -6.97
C ILE A 36 -14.62 0.19 -7.55
N CYS A 37 -14.17 1.28 -6.97
CA CYS A 37 -12.99 1.99 -7.43
C CYS A 37 -12.37 2.73 -6.22
N GLU A 38 -11.09 2.46 -5.98
CA GLU A 38 -10.40 2.97 -4.79
C GLU A 38 -8.89 2.94 -4.81
N ALA A 39 -8.29 1.88 -5.34
CA ALA A 39 -6.84 1.81 -5.56
C ALA A 39 -6.68 0.86 -6.77
N PRO A 40 -7.20 -0.41 -6.68
CA PRO A 40 -7.66 -1.03 -7.94
C PRO A 40 -8.91 -0.27 -8.41
N ASP A 41 -9.18 -0.29 -9.73
CA ASP A 41 -10.29 0.43 -10.27
C ASP A 41 -11.48 -0.45 -10.72
N TYR A 42 -11.53 -1.72 -10.28
CA TYR A 42 -12.55 -2.70 -10.65
C TYR A 42 -12.39 -3.80 -9.65
N GLY A 43 -13.50 -4.31 -9.15
CA GLY A 43 -13.49 -5.21 -8.00
C GLY A 43 -12.91 -6.58 -8.23
N HIS A 44 -12.91 -7.01 -9.47
CA HIS A 44 -12.28 -8.30 -9.84
C HIS A 44 -10.87 -8.16 -10.41
N MET A 45 -10.27 -6.98 -10.25
CA MET A 45 -8.77 -6.93 -10.18
C MET A 45 -8.45 -7.69 -8.87
N THR A 46 -7.22 -8.09 -8.73
CA THR A 46 -6.68 -8.40 -7.45
C THR A 46 -5.33 -7.73 -7.29
N THR A 47 -4.80 -7.80 -6.04
CA THR A 47 -3.63 -7.05 -5.69
C THR A 47 -2.64 -7.88 -4.96
N SER A 48 -1.39 -7.43 -4.93
CA SER A 48 -0.41 -8.05 -4.05
C SER A 48 -0.91 -7.96 -2.59
N GLU A 49 -1.59 -6.85 -2.25
CA GLU A 49 -2.16 -6.68 -0.97
C GLU A 49 -3.06 -7.86 -0.60
N ALA A 50 -3.99 -8.15 -1.49
CA ALA A 50 -4.96 -9.26 -1.22
C ALA A 50 -4.25 -10.60 -1.04
N TYR A 51 -3.21 -10.87 -1.89
CA TYR A 51 -2.50 -12.09 -1.73
C TYR A 51 -1.81 -12.11 -0.35
N SER A 52 -1.26 -10.99 0.08
CA SER A 52 -0.58 -10.92 1.36
C SER A 52 -1.52 -11.22 2.53
N TYR A 53 -2.78 -10.77 2.41
CA TYR A 53 -3.76 -11.09 3.39
C TYR A 53 -4.24 -12.55 3.40
N TRP A 54 -4.27 -13.14 2.22
CA TRP A 54 -4.62 -14.52 2.05
C TRP A 54 -3.62 -15.40 2.80
N LEU A 55 -2.36 -15.09 2.68
CA LEU A 55 -1.33 -15.80 3.41
C LEU A 55 -1.58 -15.69 4.93
N TRP A 56 -1.84 -14.48 5.39
CA TRP A 56 -2.05 -14.24 6.78
C TRP A 56 -3.22 -15.09 7.29
N LEU A 57 -4.35 -15.07 6.58
CA LEU A 57 -5.47 -15.97 6.84
C LEU A 57 -5.11 -17.43 6.97
N GLU A 58 -4.35 -17.95 6.01
CA GLU A 58 -3.99 -19.35 6.03
C GLU A 58 -2.98 -19.67 7.11
N VAL A 59 -2.17 -18.69 7.52
CA VAL A 59 -1.25 -18.96 8.62
C VAL A 59 -2.04 -19.26 9.90
N LEU A 60 -3.02 -18.43 10.23
CA LEU A 60 -3.73 -18.60 11.50
C LEU A 60 -4.68 -19.85 11.48
N TYR A 61 -5.29 -20.10 10.33
CA TYR A 61 -5.99 -21.34 10.13
C TYR A 61 -5.09 -22.57 10.31
N GLY A 62 -3.87 -22.51 9.80
CA GLY A 62 -2.97 -23.62 9.85
C GLY A 62 -2.51 -23.86 11.27
N HIS A 63 -2.35 -22.78 12.05
CA HIS A 63 -1.97 -22.93 13.43
C HIS A 63 -3.07 -23.65 14.18
N TYR A 64 -4.32 -23.25 14.02
CA TYR A 64 -5.43 -23.91 14.69
C TYR A 64 -5.62 -25.36 14.22
N THR A 65 -5.48 -25.64 12.94
CA THR A 65 -5.84 -26.96 12.44
C THR A 65 -4.64 -27.85 12.34
N ARG A 66 -3.43 -27.33 12.52
CA ARG A 66 -2.19 -28.08 12.25
C ARG A 66 -1.99 -28.54 10.78
N ASP A 67 -2.82 -28.06 9.87
CA ASP A 67 -2.75 -28.36 8.48
C ASP A 67 -2.15 -27.10 7.77
N TRP A 68 -0.89 -27.22 7.42
CA TRP A 68 -0.17 -26.17 6.70
C TRP A 68 -0.33 -26.19 5.19
N SER A 69 -1.13 -27.11 4.68
CA SER A 69 -1.19 -27.39 3.24
C SER A 69 -1.93 -26.24 2.50
N LYS A 70 -2.85 -25.62 3.17
CA LYS A 70 -3.52 -24.44 2.59
C LYS A 70 -2.67 -23.18 2.44
N LEU A 71 -1.73 -22.98 3.37
CA LEU A 71 -0.73 -21.94 3.29
C LEU A 71 0.14 -22.20 2.09
N GLU A 72 0.56 -23.45 1.92
CA GLU A 72 1.49 -23.85 0.81
C GLU A 72 0.79 -23.68 -0.57
N ALA A 73 -0.49 -24.01 -0.62
CA ALA A 73 -1.25 -23.88 -1.82
C ALA A 73 -1.44 -22.40 -2.13
N ALA A 74 -1.73 -21.56 -1.14
CA ALA A 74 -1.80 -20.12 -1.37
C ALA A 74 -0.49 -19.55 -1.90
N TRP A 75 0.63 -19.94 -1.30
CA TRP A 75 1.96 -19.47 -1.77
C TRP A 75 2.18 -19.91 -3.24
N ASP A 76 1.85 -21.18 -3.49
CA ASP A 76 1.97 -21.70 -4.87
C ASP A 76 1.13 -20.87 -5.87
N ASN A 77 -0.12 -20.61 -5.50
CA ASN A 77 -0.99 -19.81 -6.30
C ASN A 77 -0.33 -18.41 -6.58
N MET A 78 0.19 -17.80 -5.54
CA MET A 78 0.89 -16.48 -5.66
C MET A 78 2.03 -16.57 -6.65
N GLU A 79 2.80 -17.62 -6.54
CA GLU A 79 3.94 -17.78 -7.41
C GLU A 79 3.55 -18.06 -8.86
N LYS A 80 2.46 -18.78 -9.06
CA LYS A 80 1.97 -19.09 -10.37
C LYS A 80 1.47 -17.87 -11.11
N TYR A 81 0.69 -17.04 -10.40
CA TYR A 81 -0.06 -15.99 -11.09
C TYR A 81 0.39 -14.53 -10.94
N ILE A 82 1.09 -14.17 -9.87
CA ILE A 82 1.42 -12.74 -9.62
C ILE A 82 2.89 -12.40 -9.39
N ILE A 83 3.72 -13.42 -9.16
CA ILE A 83 5.17 -13.21 -9.12
C ILE A 83 5.65 -13.63 -10.50
N PRO A 84 6.21 -12.71 -11.31
CA PRO A 84 6.62 -13.03 -12.69
C PRO A 84 7.95 -13.80 -12.88
N VAL A 85 8.08 -14.93 -12.21
CA VAL A 85 9.17 -15.87 -12.37
C VAL A 85 8.43 -17.16 -12.75
N ASN A 86 8.97 -17.92 -13.68
CA ASN A 86 8.28 -19.08 -14.28
C ASN A 86 9.24 -20.30 -14.24
N GLU A 87 9.05 -21.25 -13.32
CA GLU A 87 9.78 -22.56 -13.32
C GLU A 87 9.15 -23.59 -14.30
N ASN A 90 9.01 -20.62 -20.19
N ASN A 90 7.81 -20.30 -20.34
CA ASN A 90 8.72 -19.29 -20.83
CA ASN A 90 7.92 -18.87 -20.71
C ASN A 90 8.96 -18.16 -19.81
C ASN A 90 8.83 -18.04 -19.75
N ASP A 91 9.84 -17.29 -20.22
CA ASP A 91 10.54 -16.37 -19.35
C ASP A 91 9.56 -15.15 -19.16
N GLU A 92 9.15 -14.84 -17.94
CA GLU A 92 8.31 -13.67 -17.69
C GLU A 92 9.06 -12.36 -17.43
N GLN A 93 10.38 -12.45 -17.49
CA GLN A 93 11.32 -11.26 -17.41
C GLN A 93 12.46 -11.34 -18.43
N PRO A 94 12.11 -11.25 -19.75
CA PRO A 94 13.09 -11.46 -20.74
C PRO A 94 14.09 -10.37 -20.77
N HIS A 95 15.36 -10.79 -20.83
CA HIS A 95 16.50 -9.87 -20.88
C HIS A 95 16.89 -9.21 -19.54
N MET A 96 16.27 -9.64 -18.45
CA MET A 96 16.71 -9.22 -17.11
C MET A 96 18.22 -9.49 -16.94
N SER A 97 18.74 -10.52 -17.61
N SER A 97 18.77 -10.52 -17.61
CA SER A 97 20.16 -10.85 -17.60
CA SER A 97 20.21 -10.83 -17.58
C SER A 97 21.08 -9.84 -18.21
C SER A 97 21.09 -9.81 -18.20
N ALA A 98 20.57 -8.96 -19.07
CA ALA A 98 21.33 -7.92 -19.69
C ALA A 98 21.31 -6.68 -18.81
N TYR A 99 20.69 -6.73 -17.64
CA TYR A 99 20.72 -5.54 -16.76
C TYR A 99 22.13 -5.02 -16.49
N ASN A 100 22.32 -3.72 -16.50
CA ASN A 100 23.55 -3.07 -16.17
C ASN A 100 23.42 -2.41 -14.79
N PRO A 101 24.00 -3.06 -13.76
CA PRO A 101 23.92 -2.41 -12.45
C PRO A 101 24.73 -1.14 -12.28
N SER A 102 25.66 -0.82 -13.18
N SER A 102 25.68 -0.86 -13.16
CA SER A 102 26.37 0.45 -13.08
CA SER A 102 26.38 0.42 -13.11
C SER A 102 25.60 1.55 -13.86
C SER A 102 25.51 1.53 -13.70
N SER A 103 24.50 1.17 -14.52
CA SER A 103 23.56 2.16 -15.12
C SER A 103 22.11 1.62 -15.14
N PRO A 104 21.49 1.59 -13.97
CA PRO A 104 20.26 0.81 -13.75
C PRO A 104 19.05 1.27 -14.60
N ALA A 105 18.98 2.56 -14.88
CA ALA A 105 17.84 3.11 -15.58
C ALA A 105 18.24 4.48 -16.17
N THR A 106 17.34 5.05 -16.94
CA THR A 106 17.55 6.38 -17.55
C THR A 106 16.55 7.37 -16.91
N TYR A 107 17.09 8.44 -16.39
CA TYR A 107 16.37 9.45 -15.68
C TYR A 107 15.23 10.11 -16.52
N ALA A 108 14.13 10.37 -15.84
CA ALA A 108 13.11 11.27 -16.26
C ALA A 108 12.47 11.95 -15.05
N SER A 109 11.95 13.14 -15.26
CA SER A 109 11.28 13.91 -14.20
C SER A 109 9.86 13.50 -14.02
N GLU A 110 9.40 13.46 -12.80
CA GLU A 110 8.00 13.35 -12.44
C GLU A 110 7.35 14.71 -12.62
N LYS A 111 6.03 14.75 -12.78
CA LYS A 111 5.35 15.96 -13.00
C LYS A 111 4.22 16.16 -12.04
N PRO A 112 3.87 17.42 -11.82
CA PRO A 112 2.83 17.73 -10.83
C PRO A 112 1.38 17.44 -11.30
N TYR A 113 1.19 17.23 -12.61
CA TYR A 113 -0.11 16.82 -13.17
C TYR A 113 0.08 15.81 -14.25
N PRO A 114 -0.93 14.90 -14.46
CA PRO A 114 -0.87 13.95 -15.52
C PRO A 114 -0.79 14.59 -16.94
N ASP A 115 -1.26 15.86 -17.07
CA ASP A 115 -1.27 16.55 -18.28
C ASP A 115 0.12 16.82 -18.81
N GLN A 116 1.15 16.79 -17.95
CA GLN A 116 2.49 17.06 -18.38
C GLN A 116 3.29 15.85 -18.83
N TYR A 117 2.68 14.66 -18.88
CA TYR A 117 3.25 13.47 -19.43
C TYR A 117 2.81 13.30 -20.87
N PRO A 118 3.59 12.62 -21.72
CA PRO A 118 4.81 11.91 -21.35
C PRO A 118 6.02 12.80 -20.95
N SER A 119 6.81 12.29 -19.99
CA SER A 119 8.02 12.92 -19.53
C SER A 119 9.21 12.48 -20.39
N GLN A 120 10.10 13.44 -20.64
CA GLN A 120 11.27 13.12 -21.42
C GLN A 120 12.26 12.22 -20.69
N LEU A 121 12.65 11.13 -21.37
CA LEU A 121 13.68 10.25 -20.91
C LEU A 121 14.98 10.90 -21.25
N SER A 122 15.45 11.79 -20.45
CA SER A 122 16.54 12.63 -20.81
C SER A 122 17.88 12.10 -20.39
N GLY A 123 17.94 11.34 -19.31
CA GLY A 123 19.18 10.93 -18.76
C GLY A 123 19.93 12.10 -18.13
N ALA A 124 19.21 13.17 -17.81
CA ALA A 124 19.84 14.41 -17.29
C ALA A 124 20.68 14.13 -16.00
N ARG A 125 20.17 13.24 -15.16
N ARG A 125 20.25 13.19 -15.17
CA ARG A 125 20.85 12.72 -13.99
CA ARG A 125 20.95 12.83 -13.98
C ARG A 125 21.31 11.30 -14.40
C ARG A 125 21.34 11.35 -14.13
N PRO A 126 22.61 11.08 -14.47
CA PRO A 126 23.08 9.67 -14.57
C PRO A 126 22.75 8.88 -13.29
N ALA A 127 22.25 7.67 -13.51
CA ALA A 127 21.81 6.84 -12.45
C ALA A 127 23.08 6.36 -11.70
N GLY A 128 22.96 6.12 -10.40
CA GLY A 128 24.04 5.56 -9.59
C GLY A 128 24.08 4.02 -9.64
N GLN A 129 25.01 3.50 -8.84
CA GLN A 129 25.34 2.10 -8.67
C GLN A 129 24.27 1.36 -7.92
N ASP A 130 23.85 0.23 -8.45
CA ASP A 130 23.04 -0.81 -7.77
C ASP A 130 24.02 -1.75 -7.08
N PRO A 131 24.07 -1.73 -5.75
CA PRO A 131 25.05 -2.54 -5.01
C PRO A 131 24.55 -3.86 -4.51
N ILE A 132 23.33 -4.30 -4.85
CA ILE A 132 22.85 -5.57 -4.46
C ILE A 132 22.71 -6.61 -5.56
N ASP A 133 22.57 -6.16 -6.81
CA ASP A 133 22.48 -7.04 -7.98
C ASP A 133 23.51 -8.18 -7.87
N GLY A 134 24.75 -7.84 -7.54
CA GLY A 134 25.79 -8.89 -7.52
C GLY A 134 25.60 -9.98 -6.49
N GLU A 135 25.11 -9.57 -5.31
CA GLU A 135 24.79 -10.50 -4.25
C GLU A 135 23.66 -11.38 -4.60
N LEU A 136 22.66 -10.76 -5.20
CA LEU A 136 21.42 -11.54 -5.49
C LEU A 136 21.81 -12.60 -6.52
N LYS A 137 22.54 -12.18 -7.54
CA LYS A 137 23.00 -13.14 -8.54
C LYS A 137 23.83 -14.28 -7.93
N SER A 138 24.78 -13.96 -7.06
CA SER A 138 25.59 -15.01 -6.48
C SER A 138 24.74 -15.89 -5.59
N THR A 139 23.81 -15.31 -4.88
CA THR A 139 23.00 -16.09 -3.94
C THR A 139 22.00 -17.02 -4.63
N TYR A 140 21.33 -16.55 -5.67
CA TYR A 140 20.25 -17.31 -6.30
C TYR A 140 20.54 -17.86 -7.70
N GLY A 141 21.64 -17.43 -8.31
CA GLY A 141 21.97 -17.82 -9.69
C GLY A 141 21.09 -17.11 -10.71
N THR A 142 20.41 -16.05 -10.29
CA THR A 142 19.57 -15.27 -11.17
C THR A 142 19.37 -13.87 -10.61
N ASN A 143 18.99 -12.90 -11.48
CA ASN A 143 18.50 -11.63 -10.98
C ASN A 143 17.04 -11.41 -11.30
N GLU A 144 16.33 -12.46 -11.74
CA GLU A 144 14.88 -12.36 -11.92
C GLU A 144 14.23 -12.01 -10.58
N THR A 145 13.45 -10.92 -10.61
CA THR A 145 12.84 -10.39 -9.43
C THR A 145 11.77 -11.29 -8.82
N TYR A 146 12.03 -11.77 -7.61
CA TYR A 146 11.05 -12.55 -6.81
C TYR A 146 10.30 -11.62 -5.88
N LEU A 147 9.44 -10.83 -6.48
CA LEU A 147 8.44 -9.98 -5.82
C LEU A 147 7.11 -10.08 -6.59
N MET A 148 6.03 -9.79 -5.93
CA MET A 148 4.74 -9.73 -6.58
C MET A 148 4.61 -8.44 -7.38
N HIS A 149 4.17 -8.55 -8.60
CA HIS A 149 3.62 -7.40 -9.30
C HIS A 149 2.34 -7.01 -8.54
N TRP A 150 1.98 -5.72 -8.50
CA TRP A 150 0.96 -5.34 -7.59
C TRP A 150 -0.49 -5.58 -8.05
N LEU A 151 -0.70 -5.66 -9.37
CA LEU A 151 -2.06 -5.64 -9.93
C LEU A 151 -2.25 -6.75 -10.97
N LEU A 152 -3.32 -7.49 -10.81
CA LEU A 152 -3.67 -8.56 -11.79
C LEU A 152 -5.12 -8.41 -12.23
N ASP A 153 -5.36 -8.45 -13.52
CA ASP A 153 -6.74 -8.48 -14.08
C ASP A 153 -7.22 -9.95 -14.10
N VAL A 154 -7.85 -10.36 -13.01
CA VAL A 154 -8.04 -11.76 -12.76
C VAL A 154 -9.00 -12.40 -13.79
N ASP A 155 -10.09 -11.69 -14.12
CA ASP A 155 -11.12 -12.15 -15.08
C ASP A 155 -10.83 -11.68 -16.53
N ASN A 156 -9.62 -11.13 -16.79
CA ASN A 156 -9.20 -10.56 -18.11
C ASN A 156 -10.26 -9.57 -18.54
N TRP A 157 -10.73 -8.74 -17.57
CA TRP A 157 -11.82 -7.72 -17.84
C TRP A 157 -11.40 -6.59 -18.80
N TYR A 158 -10.11 -6.25 -18.78
CA TYR A 158 -9.56 -5.29 -19.71
C TYR A 158 -9.18 -5.90 -21.07
N LYS A 159 -9.18 -7.23 -21.19
N LYS A 159 -9.22 -7.23 -21.17
CA LYS A 159 -9.11 -7.96 -22.48
CA LYS A 159 -9.11 -7.98 -22.41
C LYS A 159 -7.72 -7.91 -23.13
C LYS A 159 -7.80 -7.71 -23.13
N TYR A 160 -6.72 -7.47 -22.37
CA TYR A 160 -5.35 -7.49 -22.94
C TYR A 160 -4.84 -8.93 -23.15
N GLY A 161 -5.29 -9.90 -22.37
CA GLY A 161 -4.68 -11.25 -22.36
C GLY A 161 -3.31 -11.18 -21.61
N ASN A 162 -2.63 -12.31 -21.54
CA ASN A 162 -1.39 -12.48 -20.83
C ASN A 162 -0.38 -12.94 -21.85
N LEU A 163 0.44 -12.04 -22.31
CA LEU A 163 1.29 -12.31 -23.45
C LEU A 163 2.28 -13.44 -23.15
N LEU A 164 2.94 -13.36 -22.00
CA LEU A 164 4.02 -14.29 -21.75
C LEU A 164 3.53 -15.59 -21.14
N ASN A 165 2.25 -15.68 -20.74
CA ASN A 165 1.65 -16.90 -20.26
C ASN A 165 0.20 -16.98 -20.72
N PRO A 166 0.02 -17.21 -22.03
CA PRO A 166 -1.30 -17.04 -22.57
C PRO A 166 -2.41 -17.92 -22.05
N SER A 167 -2.08 -19.08 -21.50
CA SER A 167 -3.12 -19.94 -20.93
C SER A 167 -3.61 -19.42 -19.58
N HIS A 168 -2.93 -18.45 -18.96
CA HIS A 168 -3.47 -17.83 -17.77
C HIS A 168 -4.47 -16.76 -18.08
N LYS A 169 -5.65 -16.91 -17.52
CA LYS A 169 -6.67 -15.87 -17.69
C LYS A 169 -6.25 -14.57 -17.00
N ALA A 170 -5.66 -14.67 -15.81
CA ALA A 170 -5.23 -13.50 -15.05
C ALA A 170 -4.06 -12.86 -15.73
N ALA A 171 -4.22 -11.58 -16.05
CA ALA A 171 -3.23 -10.88 -16.79
C ALA A 171 -2.56 -9.79 -15.99
N TYR A 172 -1.27 -9.66 -16.19
CA TYR A 172 -0.56 -8.55 -15.59
C TYR A 172 -0.89 -7.19 -16.23
N VAL A 173 -1.45 -6.30 -15.41
N VAL A 173 -1.40 -6.29 -15.42
CA VAL A 173 -1.92 -4.94 -15.82
CA VAL A 173 -1.75 -4.93 -15.86
C VAL A 173 -1.35 -3.87 -14.87
C VAL A 173 -1.28 -3.86 -14.88
N ASN A 174 -1.16 -2.64 -15.39
CA ASN A 174 -0.82 -1.49 -14.56
C ASN A 174 -1.70 -0.32 -14.91
N THR A 175 -1.73 0.65 -14.01
CA THR A 175 -2.58 1.80 -14.14
C THR A 175 -1.73 3.04 -13.90
N PHE A 176 -1.48 3.35 -12.65
CA PHE A 176 -0.79 4.62 -12.24
C PHE A 176 0.58 4.70 -12.91
N GLN A 177 0.86 5.86 -13.50
N GLN A 177 0.84 5.81 -13.59
CA GLN A 177 2.18 6.16 -14.11
CA GLN A 177 2.20 6.08 -14.07
C GLN A 177 2.56 7.63 -14.10
C GLN A 177 2.38 7.57 -14.43
N ARG A 178 1.55 8.49 -13.88
CA ARG A 178 1.72 9.89 -14.12
C ARG A 178 1.58 10.82 -12.89
N GLY A 179 2.24 10.44 -11.83
CA GLY A 179 2.58 11.33 -10.76
C GLY A 179 1.49 11.54 -9.76
N GLN A 180 1.72 12.57 -8.97
CA GLN A 180 1.03 12.80 -7.71
C GLN A 180 -0.40 13.26 -7.82
N GLN A 181 -0.81 13.75 -8.98
CA GLN A 181 -2.19 14.12 -9.20
C GLN A 181 -2.95 13.13 -10.06
N GLU A 182 -2.36 11.96 -10.39
CA GLU A 182 -3.11 11.00 -11.12
C GLU A 182 -3.85 10.11 -10.13
N SER A 183 -5.06 10.48 -9.72
CA SER A 183 -5.84 9.62 -8.81
C SER A 183 -6.16 8.31 -9.56
N VAL A 184 -6.75 7.38 -8.84
CA VAL A 184 -7.21 6.13 -9.42
C VAL A 184 -8.18 6.36 -10.63
N TRP A 185 -8.96 7.43 -10.54
CA TRP A 185 -9.94 7.86 -11.55
C TRP A 185 -9.30 8.34 -12.85
N GLU A 186 -8.03 8.73 -12.76
CA GLU A 186 -7.36 9.46 -13.83
C GLU A 186 -6.34 8.63 -14.57
N ALA A 187 -6.19 7.36 -14.22
CA ALA A 187 -5.18 6.50 -14.89
C ALA A 187 -5.74 5.73 -16.02
N ILE A 188 -4.83 5.18 -16.81
CA ILE A 188 -5.23 4.42 -17.98
C ILE A 188 -4.72 3.02 -17.88
N PRO A 189 -5.64 2.04 -17.75
CA PRO A 189 -5.21 0.63 -17.63
C PRO A 189 -4.49 0.13 -18.87
N HIS A 190 -3.30 -0.44 -18.67
CA HIS A 190 -2.44 -0.92 -19.74
C HIS A 190 -1.70 -2.20 -19.39
N PRO A 191 -1.36 -3.03 -20.42
CA PRO A 191 -0.76 -4.35 -20.09
C PRO A 191 0.67 -4.12 -19.63
N SER A 192 1.10 -4.85 -18.62
CA SER A 192 2.54 -4.84 -18.16
C SER A 192 3.50 -5.31 -19.30
N GLN A 193 3.05 -6.29 -20.07
CA GLN A 193 3.82 -6.84 -21.19
C GLN A 193 3.20 -6.20 -22.51
N ASP A 194 3.86 -5.16 -23.03
CA ASP A 194 3.28 -4.32 -24.11
C ASP A 194 3.99 -4.66 -25.45
N ASP A 195 3.35 -5.55 -26.22
CA ASP A 195 3.81 -5.86 -27.58
C ASP A 195 3.35 -4.88 -28.67
N LYS A 196 2.67 -3.83 -28.24
CA LYS A 196 2.16 -2.76 -29.09
C LYS A 196 0.94 -3.25 -29.99
N SER A 197 0.24 -4.31 -29.59
CA SER A 197 -0.95 -4.77 -30.27
C SER A 197 -2.16 -3.97 -29.84
N PHE A 198 -2.11 -3.33 -28.66
CA PHE A 198 -3.06 -2.36 -28.24
C PHE A 198 -2.35 -1.02 -28.14
N GLY A 199 -3.07 -0.01 -27.66
CA GLY A 199 -2.56 1.34 -27.58
C GLY A 199 -2.43 1.94 -28.96
N LYS A 200 -1.55 2.91 -29.05
CA LYS A 200 -1.27 3.56 -30.33
C LYS A 200 -0.42 2.67 -31.28
N PRO A 201 -0.87 2.54 -32.57
CA PRO A 201 -0.07 1.71 -33.48
C PRO A 201 1.39 2.09 -33.49
N ASN A 202 2.25 1.08 -33.49
N ASN A 202 2.22 1.04 -33.46
CA ASN A 202 3.72 1.24 -33.42
CA ASN A 202 3.68 1.09 -33.37
C ASN A 202 4.26 1.68 -32.09
C ASN A 202 4.23 1.79 -32.14
N GLU A 203 3.39 2.03 -31.12
CA GLU A 203 3.86 2.59 -29.83
C GLU A 203 3.34 1.94 -28.58
N GLY A 204 2.25 1.20 -28.66
CA GLY A 204 1.58 0.73 -27.45
C GLY A 204 1.13 1.84 -26.56
N PHE A 205 1.22 1.62 -25.24
CA PHE A 205 0.87 2.68 -24.29
C PHE A 205 2.07 3.50 -23.84
N MET A 206 3.28 3.06 -24.20
CA MET A 206 4.52 3.68 -23.68
C MET A 206 4.60 5.20 -23.85
N SER A 207 4.15 5.64 -25.02
CA SER A 207 4.24 7.08 -25.35
C SER A 207 3.23 7.94 -24.66
N LEU A 208 2.34 7.39 -23.86
CA LEU A 208 1.57 8.20 -22.90
C LEU A 208 2.39 8.68 -21.70
N PHE A 209 3.45 7.93 -21.40
CA PHE A 209 4.19 8.04 -20.13
C PHE A 209 5.62 8.58 -20.24
N THR A 210 6.33 8.15 -21.28
CA THR A 210 7.74 8.58 -21.51
C THR A 210 7.90 8.95 -22.96
N LYS A 211 8.72 9.92 -23.26
CA LYS A 211 9.10 10.20 -24.67
C LYS A 211 10.56 10.17 -24.87
N GLU A 212 10.95 9.73 -26.06
CA GLU A 212 12.35 9.48 -26.41
C GLU A 212 12.47 9.80 -27.88
N ASN A 213 13.68 9.81 -28.44
CA ASN A 213 13.84 10.28 -29.87
C ASN A 213 13.12 9.30 -30.80
N GLN A 214 13.24 8.00 -30.51
CA GLN A 214 12.66 6.91 -31.26
C GLN A 214 11.19 6.47 -30.85
N VAL A 215 10.60 5.67 -31.69
CA VAL A 215 9.35 4.97 -31.37
C VAL A 215 9.74 4.05 -30.17
N PRO A 216 8.88 3.89 -29.16
CA PRO A 216 9.26 2.98 -28.12
C PRO A 216 9.31 1.53 -28.61
N ALA A 217 10.21 0.74 -28.03
CA ALA A 217 10.25 -0.70 -28.32
C ALA A 217 9.19 -1.45 -27.56
N ALA A 218 8.72 -2.57 -28.12
CA ALA A 218 8.00 -3.51 -27.37
C ALA A 218 8.77 -3.88 -26.09
N GLN A 219 8.02 -3.90 -24.99
CA GLN A 219 8.67 -4.02 -23.66
C GLN A 219 7.72 -4.42 -22.57
N TRP A 220 8.28 -4.95 -21.48
CA TRP A 220 7.54 -5.40 -20.31
C TRP A 220 7.98 -4.56 -19.15
N ARG A 221 7.12 -4.45 -18.13
CA ARG A 221 7.58 -3.91 -16.85
C ARG A 221 6.65 -4.30 -15.74
N TYR A 222 7.20 -4.43 -14.54
CA TYR A 222 6.42 -4.72 -13.36
C TYR A 222 6.73 -3.70 -12.25
N THR A 223 5.80 -3.57 -11.31
CA THR A 223 5.97 -2.74 -10.13
C THR A 223 5.40 -3.44 -8.93
N ASN A 224 6.18 -3.60 -7.85
CA ASN A 224 5.67 -4.12 -6.61
C ASN A 224 5.05 -3.00 -5.78
N ALA A 225 4.40 -3.39 -4.71
CA ALA A 225 3.95 -2.53 -3.61
C ALA A 225 4.67 -3.11 -2.39
N THR A 226 5.58 -2.35 -1.79
CA THR A 226 6.49 -2.88 -0.78
C THR A 226 5.79 -3.27 0.47
N ASP A 227 4.64 -2.68 0.76
CA ASP A 227 3.89 -3.09 1.94
C ASP A 227 3.33 -4.50 1.76
N ALA A 228 3.03 -4.89 0.52
CA ALA A 228 2.42 -6.25 0.30
C ALA A 228 3.39 -7.38 0.44
N ASP A 229 4.52 -7.25 -0.19
CA ASP A 229 5.54 -8.31 -0.06
C ASP A 229 6.01 -8.41 1.38
N ALA A 230 6.05 -7.27 2.07
CA ALA A 230 6.49 -7.32 3.52
C ALA A 230 5.48 -7.99 4.40
N ARG A 231 4.20 -7.76 4.11
CA ARG A 231 3.10 -8.38 4.85
C ARG A 231 3.11 -9.93 4.59
N ALA A 232 3.41 -10.34 3.36
CA ALA A 232 3.68 -11.77 3.16
C ALA A 232 4.79 -12.32 4.07
N ILE A 233 5.91 -11.61 4.19
CA ILE A 233 6.97 -11.99 5.10
C ILE A 233 6.50 -12.00 6.55
N GLN A 234 5.70 -11.02 6.96
CA GLN A 234 5.12 -10.98 8.29
C GLN A 234 4.30 -12.25 8.58
N ALA A 235 3.44 -12.65 7.61
CA ALA A 235 2.66 -13.87 7.72
C ALA A 235 3.55 -15.09 7.93
N ILE A 236 4.59 -15.24 7.11
CA ILE A 236 5.47 -16.37 7.28
C ILE A 236 6.24 -16.30 8.59
N TYR A 237 6.60 -15.11 9.07
CA TYR A 237 7.20 -14.94 10.39
C TYR A 237 6.36 -15.66 11.47
N TRP A 238 5.07 -15.42 11.45
CA TRP A 238 4.13 -16.03 12.41
C TRP A 238 3.90 -17.52 12.16
N ALA A 239 3.86 -17.94 10.90
CA ALA A 239 3.83 -19.38 10.58
C ALA A 239 4.90 -20.12 11.34
N LYS A 240 6.12 -19.65 11.13
CA LYS A 240 7.30 -20.22 11.73
C LYS A 240 7.29 -20.10 13.27
N GLU A 241 6.86 -19.00 13.85
CA GLU A 241 6.67 -18.92 15.30
C GLU A 241 5.66 -19.96 15.76
N LEU A 242 4.61 -20.20 14.98
CA LEU A 242 3.59 -21.12 15.36
C LEU A 242 3.87 -22.59 14.94
N GLY A 243 5.09 -22.91 14.54
CA GLY A 243 5.48 -24.30 14.30
C GLY A 243 5.64 -24.74 12.89
N TYR A 244 5.35 -23.88 11.91
CA TYR A 244 5.58 -24.25 10.51
C TYR A 244 7.04 -24.40 10.26
N ASN A 245 7.47 -25.51 9.65
CA ASN A 245 8.91 -25.62 9.34
C ASN A 245 9.32 -26.29 8.06
N ASN A 246 8.52 -26.12 7.03
CA ASN A 246 8.93 -26.51 5.70
C ASN A 246 9.89 -25.48 5.10
N SER A 247 11.16 -25.83 5.09
CA SER A 247 12.19 -25.03 4.44
C SER A 247 11.94 -24.64 3.04
N THR A 248 11.27 -25.48 2.30
CA THR A 248 10.95 -25.14 0.89
C THR A 248 10.30 -23.75 0.79
N TYR A 249 9.32 -23.49 1.65
CA TYR A 249 8.60 -22.23 1.63
C TYR A 249 9.26 -21.16 2.49
N LEU A 250 9.87 -21.56 3.63
CA LEU A 250 10.59 -20.59 4.42
C LEU A 250 11.67 -19.95 3.57
N ASP A 251 12.36 -20.73 2.73
CA ASP A 251 13.36 -20.20 1.88
C ASP A 251 12.84 -19.22 0.81
N LYS A 252 11.63 -19.43 0.35
CA LYS A 252 11.06 -18.51 -0.61
C LYS A 252 10.75 -17.17 0.04
N ALA A 253 10.32 -17.19 1.32
CA ALA A 253 10.03 -15.92 2.00
C ALA A 253 11.33 -15.16 2.22
N LYS A 254 12.43 -15.90 2.46
CA LYS A 254 13.74 -15.26 2.60
C LYS A 254 14.20 -14.63 1.26
N LYS A 255 13.90 -15.32 0.16
N LYS A 255 13.91 -15.31 0.15
CA LYS A 255 14.28 -14.86 -1.16
CA LYS A 255 14.29 -14.85 -1.15
C LYS A 255 13.53 -13.56 -1.46
C LYS A 255 13.53 -13.57 -1.47
N MET A 256 12.22 -13.58 -1.22
CA MET A 256 11.39 -12.40 -1.40
C MET A 256 11.95 -11.17 -0.61
N GLY A 257 12.31 -11.43 0.65
CA GLY A 257 12.94 -10.47 1.52
C GLY A 257 14.23 -9.91 0.94
N ASP A 258 15.05 -10.77 0.34
CA ASP A 258 16.34 -10.36 -0.28
C ASP A 258 16.06 -9.40 -1.40
N PHE A 259 15.10 -9.72 -2.31
CA PHE A 259 14.77 -8.86 -3.44
C PHE A 259 14.01 -7.61 -3.02
N LEU A 260 13.33 -7.71 -1.89
CA LEU A 260 12.54 -6.56 -1.39
C LEU A 260 13.48 -5.44 -0.98
N ARG A 261 14.78 -5.76 -0.87
CA ARG A 261 15.82 -4.71 -0.67
C ARG A 261 15.80 -3.61 -1.73
N TYR A 262 15.28 -3.88 -2.95
CA TYR A 262 15.22 -2.85 -3.98
C TYR A 262 14.35 -1.65 -3.54
N GLY A 263 13.38 -1.91 -2.69
CA GLY A 263 12.62 -0.85 -2.10
C GLY A 263 13.32 0.16 -1.19
N MET A 264 14.57 -0.09 -0.81
CA MET A 264 15.38 0.72 0.06
C MET A 264 16.21 1.75 -0.67
N TYR A 265 16.09 1.79 -2.00
CA TYR A 265 16.99 2.60 -2.87
C TYR A 265 16.22 3.77 -3.50
N ASP A 266 16.88 4.91 -3.53
CA ASP A 266 16.43 6.02 -4.38
C ASP A 266 16.09 5.63 -5.81
N LYS A 267 15.10 6.28 -6.35
CA LYS A 267 14.53 5.90 -7.66
C LYS A 267 15.62 5.65 -8.77
N TYR A 268 16.50 6.63 -8.95
CA TYR A 268 17.60 6.61 -9.84
C TYR A 268 18.94 6.45 -9.17
N PHE A 269 18.95 5.78 -8.02
CA PHE A 269 20.13 5.48 -7.29
C PHE A 269 21.00 6.73 -7.08
N GLN A 270 20.35 7.86 -6.73
CA GLN A 270 21.04 9.05 -6.37
C GLN A 270 21.35 8.97 -4.86
N THR A 271 22.43 9.61 -4.46
CA THR A 271 22.87 9.61 -3.12
C THR A 271 21.76 10.24 -2.23
N ILE A 272 21.48 9.61 -1.11
CA ILE A 272 20.49 10.13 -0.14
C ILE A 272 21.01 11.50 0.39
N GLY A 273 20.16 12.48 0.28
CA GLY A 273 20.45 13.82 0.72
C GLY A 273 21.01 14.71 -0.34
N SER A 274 21.49 14.13 -1.44
CA SER A 274 22.27 14.85 -2.38
C SER A 274 21.47 15.87 -3.15
N GLY A 275 20.14 15.74 -3.18
CA GLY A 275 19.35 16.75 -3.82
C GLY A 275 18.72 17.83 -2.91
N LYS A 276 19.19 17.94 -1.68
CA LYS A 276 18.74 18.93 -0.73
C LYS A 276 18.86 20.34 -1.22
N GLN A 277 19.86 20.59 -2.04
CA GLN A 277 20.11 21.92 -2.61
C GLN A 277 19.91 21.82 -4.13
N GLY A 278 19.22 20.79 -4.65
CA GLY A 278 18.84 20.74 -6.02
C GLY A 278 19.92 20.18 -6.94
N ASN A 279 20.95 19.57 -6.37
N ASN A 279 21.01 19.63 -6.40
CA ASN A 279 22.11 19.17 -7.19
CA ASN A 279 22.05 19.11 -7.31
C ASN A 279 22.53 17.69 -6.96
C ASN A 279 22.44 17.71 -6.84
N PRO A 280 21.62 16.73 -7.19
CA PRO A 280 21.88 15.34 -6.75
C PRO A 280 23.11 14.78 -7.45
N TYR A 281 23.71 13.76 -6.86
CA TYR A 281 24.75 13.02 -7.61
C TYR A 281 24.61 11.50 -7.38
N PRO A 282 25.15 10.70 -8.30
CA PRO A 282 24.89 9.28 -8.26
C PRO A 282 25.48 8.61 -7.05
N GLY A 283 24.80 7.61 -6.54
CA GLY A 283 25.29 6.88 -5.42
C GLY A 283 26.45 5.94 -5.81
N ASN A 284 27.41 5.75 -4.89
N ASN A 284 27.33 5.74 -4.83
CA ASN A 284 28.41 4.66 -4.98
CA ASN A 284 28.48 4.81 -4.84
C ASN A 284 28.24 3.87 -3.72
C ASN A 284 28.24 3.88 -3.65
N GLY A 285 28.56 2.59 -3.82
CA GLY A 285 28.22 1.60 -2.82
C GLY A 285 26.72 1.64 -2.47
N LYS A 286 26.47 1.73 -1.20
CA LYS A 286 25.15 1.89 -0.66
C LYS A 286 24.75 3.33 -0.36
N GLY A 287 25.40 4.27 -1.00
CA GLY A 287 25.12 5.69 -0.80
C GLY A 287 23.67 6.07 -1.17
N ALA A 288 23.03 5.34 -2.09
CA ALA A 288 21.66 5.59 -2.48
C ALA A 288 20.62 4.79 -1.71
N CYS A 289 21.06 4.08 -0.68
CA CYS A 289 20.20 3.34 0.20
C CYS A 289 19.63 4.21 1.37
N HIS A 290 18.30 4.37 1.42
CA HIS A 290 17.65 5.09 2.51
C HIS A 290 17.20 4.21 3.63
N TYR A 291 17.33 2.88 3.50
CA TYR A 291 16.95 1.91 4.52
C TYR A 291 15.47 1.99 5.06
N LEU A 292 14.58 2.48 4.23
CA LEU A 292 13.16 2.45 4.44
C LEU A 292 12.54 1.67 3.29
N MET A 293 11.29 1.35 3.49
CA MET A 293 10.48 0.82 2.37
C MET A 293 9.87 2.00 1.65
N ALA A 294 10.37 2.32 0.45
CA ALA A 294 9.71 3.31 -0.38
C ALA A 294 8.48 2.71 -1.06
N TRP A 295 7.79 3.56 -1.81
CA TRP A 295 6.47 3.20 -2.29
C TRP A 295 6.48 1.95 -3.21
N TYR A 296 7.55 1.80 -3.99
CA TYR A 296 7.69 0.68 -4.89
C TYR A 296 9.15 0.47 -5.36
N THR A 297 9.42 -0.67 -6.01
CA THR A 297 10.47 -0.88 -6.95
C THR A 297 9.83 -1.33 -8.28
N SER A 298 10.50 -0.98 -9.38
N SER A 298 10.38 -0.87 -9.41
CA SER A 298 10.01 -1.33 -10.67
CA SER A 298 9.95 -1.32 -10.71
C SER A 298 11.15 -1.88 -11.50
C SER A 298 11.13 -1.90 -11.48
N TRP A 299 10.81 -2.82 -12.38
CA TRP A 299 11.75 -3.44 -13.26
C TRP A 299 11.11 -3.70 -14.59
N GLY A 300 11.92 -3.76 -15.62
CA GLY A 300 11.40 -3.92 -16.97
C GLY A 300 12.53 -4.18 -17.97
N GLY A 301 12.12 -4.47 -19.18
CA GLY A 301 13.05 -4.76 -20.27
C GLY A 301 12.35 -5.00 -21.62
N GLY A 302 13.17 -5.29 -22.62
CA GLY A 302 12.69 -5.51 -23.96
C GLY A 302 11.92 -6.78 -24.16
N LEU A 303 10.96 -6.70 -25.07
CA LEU A 303 10.31 -7.90 -25.59
C LEU A 303 10.90 -8.21 -26.97
N GLY A 304 11.08 -9.47 -27.27
CA GLY A 304 11.54 -9.81 -28.64
C GLY A 304 13.06 -9.88 -28.79
N ASP A 305 13.49 -10.40 -29.94
CA ASP A 305 14.91 -10.72 -30.20
C ASP A 305 15.79 -9.47 -30.35
N TYR A 306 15.25 -8.35 -30.82
CA TYR A 306 16.09 -7.19 -31.02
C TYR A 306 16.16 -6.27 -29.77
N ALA A 307 15.82 -6.73 -28.55
CA ALA A 307 15.64 -5.77 -27.44
C ALA A 307 16.31 -6.23 -26.16
N ASN A 308 17.63 -6.31 -26.21
CA ASN A 308 18.36 -7.02 -25.21
C ASN A 308 18.82 -6.02 -24.13
N TRP A 309 17.85 -5.50 -23.38
CA TRP A 309 18.13 -4.46 -22.41
C TRP A 309 17.12 -4.63 -21.27
N SER A 310 17.48 -4.12 -20.10
CA SER A 310 16.56 -4.16 -18.93
C SER A 310 17.01 -3.10 -17.95
N TRP A 311 16.15 -2.81 -17.00
CA TRP A 311 16.39 -1.69 -16.10
C TRP A 311 15.70 -1.94 -14.76
N ARG A 312 16.09 -1.13 -13.76
CA ARG A 312 15.48 -1.16 -12.41
C ARG A 312 15.50 0.28 -11.89
N ILE A 313 14.43 0.64 -11.22
CA ILE A 313 14.31 1.80 -10.35
C ILE A 313 13.84 1.37 -8.96
N GLY A 314 14.41 2.08 -7.99
CA GLY A 314 13.89 2.09 -6.64
C GLY A 314 12.75 3.13 -6.53
N ALA A 315 12.53 3.72 -5.36
CA ALA A 315 11.66 4.88 -5.24
C ALA A 315 12.25 5.82 -4.18
N SER A 316 12.01 7.10 -4.40
CA SER A 316 12.56 8.18 -3.56
C SER A 316 11.62 8.61 -2.44
N HIS A 317 10.36 8.22 -2.55
CA HIS A 317 9.32 8.70 -1.66
C HIS A 317 8.94 7.54 -0.69
N CYS A 318 8.93 7.81 0.60
CA CYS A 318 8.63 6.82 1.63
C CYS A 318 7.46 7.25 2.51
N HIS A 319 6.46 6.36 2.65
CA HIS A 319 5.30 6.62 3.43
C HIS A 319 5.37 5.77 4.70
N GLN A 320 5.11 6.40 5.83
CA GLN A 320 5.08 5.72 7.08
C GLN A 320 4.18 4.46 7.07
N GLY A 321 3.06 4.55 6.37
CA GLY A 321 2.06 3.47 6.43
C GLY A 321 2.49 2.19 5.73
N TYR A 322 3.58 2.25 4.98
CA TYR A 322 4.15 1.11 4.29
C TYR A 322 5.23 0.38 5.08
N GLN A 323 5.79 0.98 6.15
CA GLN A 323 6.89 0.36 6.80
C GLN A 323 6.36 -0.88 7.50
N ASN A 324 7.15 -1.95 7.49
CA ASN A 324 6.75 -3.17 8.20
C ASN A 324 7.93 -3.72 9.02
N PRO A 325 8.05 -3.29 10.27
CA PRO A 325 9.21 -3.67 11.04
C PRO A 325 9.15 -5.11 11.56
N VAL A 326 7.98 -5.75 11.49
CA VAL A 326 7.85 -7.15 11.83
C VAL A 326 8.62 -7.95 10.78
N ALA A 327 8.33 -7.68 9.50
CA ALA A 327 9.11 -8.26 8.42
C ALA A 327 10.60 -7.97 8.61
N ALA A 328 10.95 -6.74 8.90
CA ALA A 328 12.37 -6.40 9.03
C ALA A 328 13.10 -7.21 10.15
N TYR A 329 12.39 -7.41 11.25
CA TYR A 329 12.94 -8.19 12.39
C TYR A 329 13.08 -9.65 11.96
N ALA A 330 12.03 -10.17 11.31
CA ALA A 330 12.05 -11.57 10.81
C ALA A 330 13.25 -11.82 9.87
N LEU A 331 13.60 -10.84 9.06
CA LEU A 331 14.66 -10.99 8.06
C LEU A 331 16.05 -10.66 8.63
N SER A 332 16.11 -10.16 9.87
CA SER A 332 17.38 -9.68 10.38
C SER A 332 17.92 -10.32 11.66
N SER A 333 17.15 -11.12 12.39
CA SER A 333 17.64 -11.71 13.67
C SER A 333 17.53 -13.22 13.63
N ASP A 334 18.35 -13.87 14.47
CA ASP A 334 18.18 -15.32 14.66
C ASP A 334 16.87 -15.66 15.20
N LYS A 335 16.40 -14.78 16.06
CA LYS A 335 15.04 -14.99 16.61
C LYS A 335 13.95 -14.76 15.61
N GLY A 336 14.16 -13.86 14.67
CA GLY A 336 13.12 -13.61 13.64
C GLY A 336 12.94 -14.84 12.74
N GLY A 337 14.05 -15.51 12.43
CA GLY A 337 14.04 -16.80 11.75
C GLY A 337 14.05 -16.78 10.21
N LEU A 338 14.02 -15.63 9.54
CA LEU A 338 13.95 -15.59 8.09
C LEU A 338 15.14 -14.86 7.49
N LYS A 339 16.31 -14.90 8.14
CA LYS A 339 17.47 -14.20 7.56
C LYS A 339 17.82 -14.76 6.19
N PRO A 340 17.97 -13.89 5.16
CA PRO A 340 18.35 -14.44 3.85
C PRO A 340 19.82 -14.90 3.86
N SER A 341 20.21 -15.64 2.82
N SER A 341 20.25 -15.61 2.80
CA SER A 341 21.57 -16.19 2.72
CA SER A 341 21.62 -16.17 2.72
C SER A 341 22.50 -15.36 1.90
C SER A 341 22.57 -15.29 1.99
N SER A 342 22.11 -14.15 1.49
CA SER A 342 22.96 -13.25 0.81
C SER A 342 23.97 -12.65 1.79
N ALA A 343 25.04 -12.09 1.27
CA ALA A 343 26.04 -11.54 2.12
C ALA A 343 25.55 -10.44 3.04
N THR A 344 24.69 -9.52 2.54
CA THR A 344 24.28 -8.39 3.36
C THR A 344 22.78 -8.23 3.52
N GLY A 345 22.00 -9.24 3.18
CA GLY A 345 20.55 -9.05 3.25
C GLY A 345 20.05 -8.84 4.69
N ALA A 346 20.55 -9.66 5.60
CA ALA A 346 20.13 -9.58 6.96
C ALA A 346 20.61 -8.28 7.65
N SER A 347 21.81 -7.85 7.36
N SER A 347 21.84 -7.88 7.40
CA SER A 347 22.37 -6.68 7.99
CA SER A 347 22.37 -6.67 7.96
C SER A 347 21.78 -5.35 7.39
C SER A 347 21.60 -5.45 7.45
N ASP A 348 21.33 -5.38 6.14
CA ASP A 348 20.54 -4.31 5.61
C ASP A 348 19.15 -4.23 6.30
N TRP A 349 18.49 -5.35 6.43
CA TRP A 349 17.22 -5.39 7.15
C TRP A 349 17.33 -4.98 8.65
N GLU A 350 18.47 -5.29 9.29
CA GLU A 350 18.68 -4.86 10.64
C GLU A 350 18.76 -3.31 10.75
N LYS A 351 19.42 -2.71 9.79
CA LYS A 351 19.48 -1.28 9.72
C LYS A 351 18.13 -0.67 9.40
N THR A 352 17.40 -1.29 8.49
CA THR A 352 16.03 -0.90 8.22
C THR A 352 15.11 -0.96 9.41
N LEU A 353 15.21 -1.99 10.20
CA LEU A 353 14.33 -2.14 11.38
C LEU A 353 14.44 -0.90 12.30
N LYS A 354 15.69 -0.51 12.57
CA LYS A 354 15.94 0.64 13.40
C LYS A 354 15.47 1.91 12.69
N ARG A 355 15.85 2.08 11.43
CA ARG A 355 15.45 3.30 10.69
C ARG A 355 13.91 3.49 10.64
N GLN A 356 13.17 2.41 10.53
CA GLN A 356 11.73 2.46 10.49
C GLN A 356 11.14 2.91 11.85
N LEU A 357 11.73 2.39 12.93
CA LEU A 357 11.25 2.84 14.25
C LEU A 357 11.61 4.29 14.48
N GLU A 358 12.81 4.71 14.10
CA GLU A 358 13.14 6.13 14.17
C GLU A 358 12.14 6.99 13.34
N PHE A 359 11.72 6.49 12.17
CA PHE A 359 10.82 7.17 11.27
C PHE A 359 9.44 7.39 11.93
N TYR A 360 8.96 6.37 12.60
CA TYR A 360 7.73 6.47 13.36
C TYR A 360 7.78 7.46 14.49
N VAL A 361 8.85 7.44 15.29
CA VAL A 361 8.97 8.42 16.33
C VAL A 361 9.04 9.84 15.76
N TRP A 362 9.90 10.05 14.73
CA TRP A 362 10.00 11.34 14.05
C TRP A 362 8.69 11.89 13.60
N LEU A 363 7.85 11.00 13.00
CA LEU A 363 6.64 11.44 12.40
C LEU A 363 5.47 11.62 13.37
N GLN A 364 5.61 11.30 14.65
CA GLN A 364 4.43 11.23 15.54
C GLN A 364 4.04 12.67 15.94
N SER A 365 2.76 13.04 15.73
CA SER A 365 2.24 14.35 15.93
C SER A 365 2.22 14.65 17.44
N LYS A 366 1.96 15.91 17.75
CA LYS A 366 1.92 16.35 19.16
C LYS A 366 0.91 15.51 19.94
N GLU A 367 -0.16 15.11 19.28
CA GLU A 367 -1.18 14.33 19.91
C GLU A 367 -1.10 12.84 19.68
N GLY A 368 -0.20 12.32 18.84
CA GLY A 368 -0.04 10.87 18.82
C GLY A 368 -0.23 10.18 17.50
N ALA A 369 -0.74 10.89 16.50
CA ALA A 369 -0.93 10.27 15.19
C ALA A 369 0.34 10.33 14.34
N ILE A 370 0.47 9.42 13.40
CA ILE A 370 1.69 9.31 12.56
C ILE A 370 1.53 10.10 11.23
N ALA A 371 2.39 11.11 11.06
CA ALA A 371 2.40 11.94 9.84
C ALA A 371 3.09 11.20 8.69
N GLY A 372 3.01 11.82 7.50
CA GLY A 372 3.17 11.14 6.22
C GLY A 372 4.42 10.34 5.89
N GLY A 373 5.53 11.03 5.82
CA GLY A 373 6.78 10.42 5.47
C GLY A 373 7.78 11.43 4.96
N ALA A 374 8.54 11.04 3.93
CA ALA A 374 9.71 11.83 3.47
C ALA A 374 10.13 11.44 2.07
N THR A 375 10.88 12.34 1.40
CA THR A 375 11.34 12.05 0.10
C THR A 375 12.80 12.40 -0.07
N ASN A 376 13.49 11.61 -0.90
CA ASN A 376 14.78 12.03 -1.41
C ASN A 376 14.74 12.78 -2.74
N SER A 377 13.55 12.98 -3.35
CA SER A 377 13.43 13.69 -4.64
C SER A 377 12.26 14.66 -4.58
N TRP A 378 12.55 15.85 -4.08
CA TRP A 378 11.54 16.85 -3.90
C TRP A 378 10.99 17.22 -5.27
N ASN A 379 9.66 17.25 -5.38
CA ASN A 379 8.93 17.39 -6.68
C ASN A 379 9.14 16.27 -7.69
N GLY A 380 9.77 15.17 -7.28
CA GLY A 380 10.12 14.07 -8.16
C GLY A 380 11.11 14.42 -9.26
N ASP A 381 11.86 15.50 -9.06
CA ASP A 381 12.93 15.83 -9.96
C ASP A 381 14.16 16.37 -9.24
N TYR A 382 14.40 15.93 -7.99
CA TYR A 382 15.53 16.38 -7.19
C TYR A 382 15.64 17.93 -7.08
N SER A 383 14.49 18.56 -6.82
CA SER A 383 14.48 19.95 -6.52
C SER A 383 14.95 20.25 -5.13
N ALA A 384 15.43 21.47 -4.96
CA ALA A 384 15.98 21.89 -3.68
C ALA A 384 14.82 21.91 -2.69
N TYR A 385 15.09 21.45 -1.47
CA TYR A 385 14.07 21.45 -0.44
C TYR A 385 13.64 22.88 -0.17
N PRO A 386 12.38 23.13 0.16
CA PRO A 386 12.07 24.44 0.65
C PRO A 386 12.82 24.87 1.87
N ALA A 387 13.06 26.19 1.94
CA ALA A 387 13.60 26.85 3.14
C ALA A 387 12.93 26.35 4.39
N GLY A 388 13.68 25.88 5.35
CA GLY A 388 13.09 25.48 6.62
C GLY A 388 12.36 24.15 6.61
N ARG A 389 12.40 23.40 5.52
CA ARG A 389 11.67 22.10 5.53
C ARG A 389 12.36 21.11 6.49
N SER A 390 11.63 20.47 7.42
CA SER A 390 12.21 19.49 8.26
C SER A 390 12.71 18.24 7.48
N THR A 391 13.75 17.57 8.03
CA THR A 391 14.37 16.41 7.38
C THR A 391 14.59 15.25 8.30
N PHE A 392 14.72 14.06 7.69
CA PHE A 392 14.96 12.80 8.35
C PHE A 392 16.04 12.16 7.50
N TYR A 393 17.25 11.99 8.08
CA TYR A 393 18.44 11.46 7.31
C TYR A 393 18.55 12.15 5.98
N ASP A 394 18.37 13.46 6.03
CA ASP A 394 18.48 14.32 4.86
C ASP A 394 17.43 14.22 3.71
N MET A 395 16.28 13.65 4.05
N MET A 395 16.28 13.66 4.06
CA MET A 395 15.13 13.51 3.20
CA MET A 395 15.13 13.53 3.20
C MET A 395 14.08 14.46 3.76
C MET A 395 14.02 14.41 3.76
N ALA A 396 13.33 15.09 2.85
CA ALA A 396 12.39 16.14 3.17
C ALA A 396 11.05 15.57 3.61
N TYR A 397 10.57 16.06 4.75
CA TYR A 397 9.27 15.73 5.23
C TYR A 397 8.23 15.97 4.13
N GLU A 398 7.29 15.02 4.07
CA GLU A 398 6.07 15.13 3.17
C GLU A 398 4.85 14.74 3.93
N ASP A 399 3.90 15.63 3.97
CA ASP A 399 2.58 15.31 4.53
C ASP A 399 1.67 14.33 3.73
N ALA A 400 1.95 14.20 2.43
CA ALA A 400 1.19 13.41 1.56
C ALA A 400 2.15 12.75 0.53
N PRO A 401 2.96 11.81 0.99
CA PRO A 401 3.92 11.18 0.09
C PRO A 401 3.24 10.57 -1.10
N VAL A 402 3.80 10.84 -2.28
CA VAL A 402 3.47 10.21 -3.55
C VAL A 402 2.17 10.69 -4.14
N TYR A 403 1.06 10.73 -3.39
CA TYR A 403 -0.25 11.14 -3.98
C TYR A 403 -0.87 12.26 -3.22
N HIS A 404 -1.43 13.22 -3.97
CA HIS A 404 -2.19 14.30 -3.45
C HIS A 404 -3.69 14.21 -3.73
N ASP A 405 -4.18 13.14 -4.39
CA ASP A 405 -5.57 13.05 -4.82
C ASP A 405 -6.04 11.59 -4.61
N PRO A 406 -6.55 11.28 -3.43
CA PRO A 406 -6.52 12.13 -2.24
C PRO A 406 -5.13 12.15 -1.51
N PRO A 407 -4.92 13.13 -0.64
CA PRO A 407 -3.62 13.14 0.13
C PRO A 407 -3.40 11.80 0.85
N SER A 408 -2.30 11.17 0.54
CA SER A 408 -2.05 9.77 0.89
C SER A 408 -1.98 9.35 2.36
N ASN A 409 -1.89 10.29 3.27
CA ASN A 409 -1.89 9.97 4.70
C ASN A 409 -3.14 10.52 5.38
N ASN A 410 -4.20 10.89 4.62
CA ASN A 410 -5.43 11.29 5.29
C ASN A 410 -6.27 10.08 5.78
N TRP A 411 -6.33 9.05 4.95
CA TRP A 411 -7.11 7.84 5.34
C TRP A 411 -6.71 7.27 6.71
N PHE A 412 -7.67 7.09 7.62
CA PHE A 412 -7.34 6.56 8.95
C PHE A 412 -6.83 5.09 8.91
N GLY A 413 -7.15 4.39 7.86
CA GLY A 413 -6.55 3.05 7.67
C GLY A 413 -5.03 3.13 7.63
N MET A 414 -4.46 4.25 7.15
N MET A 414 -4.46 4.24 7.16
CA MET A 414 -2.99 4.42 7.22
CA MET A 414 -3.02 4.47 7.21
C MET A 414 -2.45 4.62 8.64
C MET A 414 -2.44 4.65 8.63
N GLN A 415 -3.29 4.88 9.63
CA GLN A 415 -2.85 4.75 11.01
C GLN A 415 -2.92 3.29 11.50
N ALA A 416 -4.05 2.65 11.26
CA ALA A 416 -4.34 1.35 11.88
C ALA A 416 -3.36 0.31 11.34
N TRP A 417 -3.08 0.33 10.04
CA TRP A 417 -2.25 -0.73 9.47
C TRP A 417 -0.77 -0.76 10.04
N PRO A 418 -0.09 0.41 10.11
CA PRO A 418 1.29 0.37 10.61
C PRO A 418 1.34 0.23 12.12
N MET A 419 0.37 0.79 12.81
CA MET A 419 0.40 0.75 14.28
C MET A 419 0.05 -0.65 14.75
N GLU A 420 -0.76 -1.38 13.98
CA GLU A 420 -0.89 -2.81 14.26
C GLU A 420 0.46 -3.57 14.26
N ARG A 421 1.29 -3.30 13.27
CA ARG A 421 2.60 -3.92 13.15
C ARG A 421 3.56 -3.49 14.28
N VAL A 422 3.53 -2.20 14.61
CA VAL A 422 4.37 -1.73 15.70
C VAL A 422 3.95 -2.37 17.04
N ALA A 423 2.66 -2.54 17.25
CA ALA A 423 2.13 -3.25 18.44
C ALA A 423 2.57 -4.70 18.42
N GLU A 424 2.47 -5.33 17.24
CA GLU A 424 3.03 -6.72 17.14
C GLU A 424 4.50 -6.79 17.55
N LEU A 425 5.26 -5.80 17.07
CA LEU A 425 6.67 -5.71 17.30
C LEU A 425 7.05 -5.46 18.74
N TYR A 426 6.33 -4.56 19.41
CA TYR A 426 6.47 -4.43 20.85
C TYR A 426 6.30 -5.82 21.52
N TYR A 427 5.18 -6.49 21.22
CA TYR A 427 4.93 -7.84 21.73
C TYR A 427 6.07 -8.84 21.43
N ILE A 428 6.58 -8.81 20.19
CA ILE A 428 7.60 -9.71 19.82
C ILE A 428 8.87 -9.42 20.57
N PHE A 429 9.26 -8.15 20.67
CA PHE A 429 10.54 -7.89 21.38
C PHE A 429 10.49 -8.41 22.85
N VAL A 430 9.44 -8.06 23.57
CA VAL A 430 9.25 -8.43 24.95
C VAL A 430 9.17 -9.99 25.12
N LYS A 431 8.47 -10.66 24.22
CA LYS A 431 8.43 -12.13 24.17
C LYS A 431 9.82 -12.73 23.96
N ASP A 432 10.66 -12.05 23.19
CA ASP A 432 11.99 -12.55 22.91
C ASP A 432 12.99 -12.12 23.94
N GLY A 433 12.52 -11.56 25.05
CA GLY A 433 13.40 -11.14 26.10
C GLY A 433 14.06 -9.81 25.97
N ASP A 434 13.55 -8.89 25.14
CA ASP A 434 14.12 -7.54 25.02
C ASP A 434 13.15 -6.47 25.56
N LYS A 435 13.52 -5.91 26.73
CA LYS A 435 12.88 -4.75 27.28
C LYS A 435 13.71 -3.53 27.30
N THR A 436 14.95 -3.62 26.85
CA THR A 436 15.93 -2.60 27.10
C THR A 436 16.54 -1.97 25.88
N SER A 437 16.46 -2.55 24.70
CA SER A 437 17.15 -1.97 23.55
C SER A 437 16.53 -0.63 23.17
N GLU A 438 17.29 0.16 22.49
CA GLU A 438 16.75 1.38 21.93
C GLU A 438 15.51 1.06 21.00
N ASN A 439 15.58 -0.05 20.28
CA ASN A 439 14.52 -0.38 19.34
C ASN A 439 13.20 -0.64 20.07
N VAL A 440 13.24 -1.41 21.14
CA VAL A 440 11.96 -1.67 21.89
C VAL A 440 11.43 -0.41 22.57
N GLN A 441 12.35 0.40 23.04
N GLN A 441 12.33 0.42 23.09
CA GLN A 441 11.97 1.63 23.69
CA GLN A 441 11.90 1.66 23.76
C GLN A 441 11.24 2.60 22.71
C GLN A 441 11.24 2.64 22.72
N MET A 442 11.76 2.65 21.49
CA MET A 442 11.10 3.39 20.39
C MET A 442 9.72 2.81 20.02
N ALA A 443 9.68 1.51 19.79
CA ALA A 443 8.46 0.89 19.43
C ALA A 443 7.41 1.17 20.52
N LYS A 444 7.80 0.90 21.77
CA LYS A 444 6.91 1.06 22.89
C LYS A 444 6.41 2.47 23.04
N SER A 445 7.31 3.43 22.98
N SER A 445 7.30 3.44 22.99
CA SER A 445 6.97 4.84 23.15
CA SER A 445 6.92 4.84 23.14
C SER A 445 6.01 5.35 22.08
C SER A 445 5.90 5.24 22.08
N CYS A 446 6.21 4.90 20.84
CA CYS A 446 5.31 5.26 19.73
C CYS A 446 3.95 4.61 19.86
N ILE A 447 3.88 3.28 20.08
CA ILE A 447 2.57 2.60 20.15
C ILE A 447 1.76 3.02 21.41
N THR A 448 2.45 3.28 22.51
CA THR A 448 1.79 3.71 23.74
C THR A 448 1.14 5.10 23.55
N LYS A 449 1.87 6.04 22.98
N LYS A 449 1.88 6.04 22.98
CA LYS A 449 1.34 7.34 22.65
CA LYS A 449 1.34 7.36 22.64
C LYS A 449 0.19 7.26 21.62
C LYS A 449 0.16 7.23 21.66
N TRP A 450 0.32 6.39 20.64
CA TRP A 450 -0.71 6.20 19.61
C TRP A 450 -2.02 5.62 20.13
N VAL A 451 -1.90 4.57 20.94
CA VAL A 451 -3.09 3.95 21.56
C VAL A 451 -3.89 4.93 22.38
N ASN A 452 -3.22 5.77 23.14
N ASN A 452 -3.19 5.74 23.18
CA ASN A 452 -3.92 6.72 23.93
CA ASN A 452 -3.79 6.87 23.92
C ASN A 452 -4.60 7.80 23.04
C ASN A 452 -4.63 7.72 22.99
N TYR A 453 -3.96 8.17 21.94
CA TYR A 453 -4.53 9.03 20.94
C TYR A 453 -5.77 8.44 20.31
N ALA A 454 -5.66 7.18 19.87
CA ALA A 454 -6.73 6.56 19.11
C ALA A 454 -7.98 6.33 19.91
N LEU A 455 -7.83 5.96 21.19
CA LEU A 455 -8.99 5.68 22.00
C LEU A 455 -9.93 6.84 22.17
N ASP A 456 -9.50 8.09 21.98
CA ASP A 456 -10.45 9.17 22.10
C ASP A 456 -11.43 9.18 20.96
N TYR A 457 -11.21 8.44 19.87
CA TYR A 457 -12.14 8.46 18.75
C TYR A 457 -12.84 7.18 18.40
N ILE A 458 -12.85 6.25 19.32
CA ILE A 458 -13.41 4.94 19.19
C ILE A 458 -14.70 4.87 20.03
N PHE A 459 -15.82 4.50 19.40
CA PHE A 459 -17.12 4.54 20.07
C PHE A 459 -17.80 3.18 19.87
N ILE A 460 -18.17 2.55 20.99
CA ILE A 460 -18.89 1.31 20.99
C ILE A 460 -20.17 1.49 21.81
N GLY A 461 -21.32 1.34 21.17
CA GLY A 461 -22.59 1.42 21.83
C GLY A 461 -22.97 2.87 22.04
N SER A 462 -22.22 3.80 21.43
CA SER A 462 -22.48 5.22 21.44
C SER A 462 -22.19 5.71 20.06
N ARG A 463 -22.73 6.87 19.76
CA ARG A 463 -22.57 7.52 18.50
C ARG A 463 -21.98 8.92 18.77
N PRO A 464 -20.79 9.21 18.16
CA PRO A 464 -20.23 10.56 18.39
C PRO A 464 -21.06 11.61 17.66
N VAL A 465 -20.99 12.81 18.24
CA VAL A 465 -21.50 14.01 17.53
C VAL A 465 -20.46 14.60 16.63
N SER A 466 -20.85 14.79 15.36
CA SER A 466 -20.04 15.48 14.39
C SER A 466 -20.86 16.52 13.63
N ASP A 467 -20.21 17.51 13.00
CA ASP A 467 -20.91 18.48 12.22
C ASP A 467 -20.97 18.09 10.76
N GLU A 468 -21.61 18.93 9.94
CA GLU A 468 -21.75 18.69 8.51
C GLU A 468 -20.41 18.51 7.80
N GLU A 469 -19.31 19.12 8.27
CA GLU A 469 -18.03 19.09 7.55
C GLU A 469 -17.16 17.90 8.05
N GLY A 470 -17.71 17.11 9.00
CA GLY A 470 -17.06 15.96 9.56
C GLY A 470 -16.15 16.12 10.78
N TYR A 471 -16.16 17.30 11.39
CA TYR A 471 -15.41 17.51 12.61
C TYR A 471 -16.15 16.90 13.75
N PHE A 472 -15.40 16.28 14.68
CA PHE A 472 -15.98 15.84 15.93
C PHE A 472 -16.29 17.09 16.79
N LEU A 473 -17.37 17.02 17.58
CA LEU A 473 -17.76 18.11 18.52
C LEU A 473 -17.67 17.73 19.94
N ASP A 474 -17.31 18.69 20.78
CA ASP A 474 -17.31 18.45 22.22
C ASP A 474 -18.71 18.71 22.78
N ASP A 475 -18.87 18.59 24.09
CA ASP A 475 -20.20 18.77 24.72
C ASP A 475 -20.78 20.19 24.63
N GLN A 476 -19.97 21.20 24.30
CA GLN A 476 -20.42 22.55 24.13
C GLN A 476 -20.60 22.82 22.66
N GLY A 477 -20.45 21.84 21.77
CA GLY A 477 -20.70 22.02 20.33
C GLY A 477 -19.55 22.59 19.53
N ARG A 478 -18.39 22.72 20.17
CA ARG A 478 -17.21 23.26 19.50
C ARG A 478 -16.45 22.14 18.73
N ARG A 479 -15.92 22.48 17.56
CA ARG A 479 -15.02 21.57 16.84
C ARG A 479 -13.79 21.17 17.67
N ILE A 480 -13.42 19.89 17.61
CA ILE A 480 -12.20 19.38 18.26
C ILE A 480 -11.18 19.36 17.17
N LEU A 481 -10.21 20.24 17.28
CA LEU A 481 -9.18 20.44 16.28
C LEU A 481 -7.89 19.85 16.78
N GLY A 482 -7.85 18.54 16.84
CA GLY A 482 -6.71 17.90 17.42
C GLY A 482 -6.50 18.15 18.91
N GLY A 483 -5.25 18.00 19.35
CA GLY A 483 -4.83 18.05 20.75
C GLY A 483 -5.04 16.78 21.56
N THR A 484 -4.37 16.69 22.69
CA THR A 484 -4.44 15.54 23.49
C THR A 484 -5.77 15.67 24.29
N ASN A 485 -6.14 14.64 25.02
CA ASN A 485 -7.36 14.70 25.82
C ASN A 485 -8.64 15.14 25.04
N ALA A 486 -8.90 14.56 23.89
CA ALA A 486 -10.06 15.02 23.13
C ALA A 486 -11.29 14.41 23.82
N THR A 487 -12.31 15.22 24.02
CA THR A 487 -13.50 14.74 24.71
C THR A 487 -14.71 14.92 23.78
N VAL A 488 -15.01 13.88 23.02
CA VAL A 488 -16.00 13.93 22.00
C VAL A 488 -17.37 13.70 22.65
N ALA A 489 -18.33 14.54 22.32
CA ALA A 489 -19.72 14.32 22.71
C ALA A 489 -20.29 13.13 21.98
N THR A 490 -21.23 12.51 22.65
CA THR A 490 -21.72 11.15 22.35
C THR A 490 -23.23 11.02 22.72
N THR A 491 -24.00 10.26 21.95
CA THR A 491 -25.38 9.86 22.31
C THR A 491 -25.39 8.34 22.36
N SER A 492 -26.32 7.78 23.13
CA SER A 492 -26.45 6.34 23.31
C SER A 492 -26.85 5.70 21.99
N ALA A 493 -26.20 4.61 21.64
CA ALA A 493 -26.51 3.93 20.39
C ALA A 493 -26.14 2.43 20.48
N PRO A 494 -26.94 1.66 21.24
CA PRO A 494 -26.68 0.24 21.43
C PRO A 494 -26.47 -0.45 20.06
N GLY A 495 -25.52 -1.34 20.00
CA GLY A 495 -25.14 -2.09 18.79
C GLY A 495 -24.31 -1.37 17.69
N GLU A 496 -24.18 -0.04 17.74
CA GLU A 496 -23.34 0.71 16.82
C GLU A 496 -21.83 0.72 17.21
N PHE A 497 -20.99 0.96 16.21
CA PHE A 497 -19.57 1.30 16.44
C PHE A 497 -19.24 2.41 15.50
N TRP A 498 -18.28 3.24 15.93
CA TRP A 498 -17.77 4.32 15.10
C TRP A 498 -16.27 4.45 15.28
N LEU A 499 -15.60 4.76 14.17
CA LEU A 499 -14.13 4.94 14.10
C LEU A 499 -13.90 6.22 13.33
N PRO A 500 -12.74 6.84 13.51
CA PRO A 500 -12.43 7.95 12.69
C PRO A 500 -12.15 7.52 11.26
N GLY A 501 -12.37 8.45 10.35
CA GLY A 501 -12.29 8.19 8.92
C GLY A 501 -11.09 8.80 8.23
N ASN A 502 -10.73 9.99 8.62
CA ASN A 502 -9.65 10.70 8.03
C ASN A 502 -8.96 11.57 9.09
N ILE A 503 -7.78 12.02 8.70
CA ILE A 503 -7.00 13.06 9.43
C ILE A 503 -6.74 14.19 8.49
N ALA A 504 -6.85 15.43 8.99
CA ALA A 504 -6.39 16.63 8.28
C ALA A 504 -5.08 17.12 8.99
N TRP A 505 -4.04 17.29 8.20
CA TRP A 505 -2.67 17.43 8.72
C TRP A 505 -2.23 18.87 8.64
N SER A 506 -1.49 19.38 9.64
CA SER A 506 -0.85 20.71 9.41
C SER A 506 0.46 20.72 10.23
N GLY A 507 1.38 21.54 9.76
CA GLY A 507 2.67 21.73 10.35
C GLY A 507 3.70 20.70 9.90
N GLN A 508 4.75 20.55 10.74
CA GLN A 508 5.92 19.70 10.38
C GLN A 508 6.46 19.13 11.67
N PRO A 509 6.99 17.89 11.65
CA PRO A 509 7.80 17.47 12.75
C PRO A 509 9.07 18.32 12.78
N ASP A 510 9.71 18.39 13.91
CA ASP A 510 11.07 18.91 13.96
C ASP A 510 12.06 18.01 13.25
N THR A 511 13.16 18.59 12.74
CA THR A 511 14.17 17.79 12.10
C THR A 511 14.72 16.68 13.01
N TRP A 512 14.90 15.45 12.49
CA TRP A 512 15.39 14.38 13.26
C TRP A 512 16.88 14.49 13.64
N ASN A 513 17.15 14.36 14.92
CA ASN A 513 18.47 14.29 15.43
C ASN A 513 18.67 13.09 16.35
N GLY A 514 17.83 12.06 16.26
CA GLY A 514 17.88 10.82 17.05
C GLY A 514 16.82 10.79 18.17
N PHE A 515 16.61 9.61 18.69
CA PHE A 515 15.55 9.35 19.69
C PHE A 515 15.75 10.17 20.99
N GLN A 516 17.01 10.36 21.39
CA GLN A 516 17.32 11.14 22.59
C GLN A 516 17.10 12.63 22.48
N SER A 517 16.98 13.17 21.26
CA SER A 517 16.71 14.60 21.10
C SER A 517 15.31 14.84 20.55
N ALA A 518 14.47 13.82 20.49
CA ALA A 518 13.15 14.07 19.97
C ALA A 518 12.44 15.14 20.81
N THR A 519 11.58 15.91 20.16
CA THR A 519 11.02 17.13 20.75
C THR A 519 9.56 17.00 21.20
N GLY A 520 8.86 15.96 20.78
CA GLY A 520 7.38 15.90 20.97
C GLY A 520 6.60 16.58 19.83
N ASN A 521 7.31 17.14 18.83
CA ASN A 521 6.72 17.73 17.62
C ASN A 521 5.50 18.66 17.90
N PRO A 522 5.74 19.73 18.68
CA PRO A 522 4.67 20.65 19.09
C PRO A 522 4.04 21.42 17.94
N ASN A 523 4.68 21.49 16.76
CA ASN A 523 4.03 22.13 15.63
C ASN A 523 3.50 21.18 14.60
N LEU A 524 3.31 19.93 14.97
CA LEU A 524 2.78 18.88 14.08
C LEU A 524 1.44 18.48 14.59
N THR A 525 0.41 18.79 13.81
CA THR A 525 -0.97 18.60 14.21
C THR A 525 -1.78 17.67 13.30
N ALA A 526 -2.38 16.70 13.96
CA ALA A 526 -3.43 15.89 13.40
C ALA A 526 -4.82 16.31 13.89
N VAL A 527 -5.71 16.65 12.97
CA VAL A 527 -7.11 16.83 13.28
C VAL A 527 -7.85 15.59 12.78
N THR A 528 -8.37 14.79 13.70
CA THR A 528 -9.11 13.57 13.39
C THR A 528 -10.58 13.91 13.14
N LYS A 529 -11.10 13.33 12.06
CA LYS A 529 -12.43 13.63 11.53
C LYS A 529 -13.21 12.43 10.96
N ASP A 530 -14.42 12.71 10.48
CA ASP A 530 -15.23 11.85 9.60
C ASP A 530 -15.53 10.48 10.22
N PRO A 531 -16.29 10.46 11.28
CA PRO A 531 -16.68 9.17 11.89
C PRO A 531 -17.36 8.20 10.89
N THR A 532 -16.98 6.93 10.83
CA THR A 532 -17.54 5.93 9.94
C THR A 532 -17.56 4.56 10.58
N GLN A 533 -17.98 3.56 9.81
CA GLN A 533 -18.05 2.20 10.23
C GLN A 533 -17.29 1.18 9.33
N ASP A 534 -16.06 1.47 8.97
CA ASP A 534 -15.22 0.57 8.09
C ASP A 534 -14.72 -0.65 8.83
N THR A 535 -15.17 -1.82 8.41
CA THR A 535 -14.93 -3.01 9.13
C THR A 535 -13.50 -3.56 8.97
N GLY A 536 -12.88 -3.23 7.85
CA GLY A 536 -11.49 -3.52 7.67
C GLY A 536 -10.62 -2.78 8.67
N VAL A 537 -10.79 -1.47 8.73
CA VAL A 537 -10.08 -0.68 9.71
C VAL A 537 -10.35 -1.21 11.12
N LEU A 538 -11.61 -1.59 11.41
CA LEU A 538 -11.94 -2.16 12.69
C LEU A 538 -11.12 -3.37 13.02
N GLY A 539 -11.02 -4.32 12.07
CA GLY A 539 -10.25 -5.53 12.34
C GLY A 539 -8.76 -5.25 12.57
N SER A 540 -8.23 -4.25 11.84
CA SER A 540 -6.85 -3.83 12.03
C SER A 540 -6.64 -3.20 13.42
N LEU A 541 -7.56 -2.30 13.81
N LEU A 541 -7.55 -2.31 13.79
CA LEU A 541 -7.52 -1.68 15.13
CA LEU A 541 -7.52 -1.65 15.07
C LEU A 541 -7.56 -2.67 16.27
C LEU A 541 -7.61 -2.61 16.27
N VAL A 542 -8.46 -3.62 16.16
CA VAL A 542 -8.56 -4.64 17.15
C VAL A 542 -7.24 -5.33 17.39
N LYS A 543 -6.54 -5.68 16.31
CA LYS A 543 -5.28 -6.33 16.49
C LYS A 543 -4.21 -5.42 17.10
N ALA A 544 -4.20 -4.17 16.70
CA ALA A 544 -3.24 -3.21 17.28
C ALA A 544 -3.49 -3.17 18.80
N PHE A 545 -4.77 -3.04 19.18
CA PHE A 545 -5.07 -3.06 20.61
C PHE A 545 -4.78 -4.38 21.30
N THR A 546 -5.01 -5.50 20.60
CA THR A 546 -4.75 -6.79 21.19
C THR A 546 -3.29 -7.05 21.49
N PHE A 547 -2.45 -6.83 20.47
CA PHE A 547 -1.04 -7.13 20.62
C PHE A 547 -0.46 -6.11 21.62
N PHE A 548 -0.97 -4.88 21.59
CA PHE A 548 -0.48 -3.85 22.56
C PHE A 548 -0.72 -4.31 23.95
N ALA A 549 -1.95 -4.72 24.24
CA ALA A 549 -2.31 -5.18 25.59
C ALA A 549 -1.47 -6.37 26.01
N ALA A 550 -1.35 -7.36 25.13
CA ALA A 550 -0.57 -8.52 25.42
C ALA A 550 0.87 -8.21 25.76
N ALA A 551 1.46 -7.29 24.97
CA ALA A 551 2.80 -6.83 25.24
C ALA A 551 2.94 -6.25 26.67
N THR A 552 1.99 -5.41 27.04
CA THR A 552 2.02 -4.79 28.37
C THR A 552 2.05 -5.82 29.50
N LYS A 553 1.29 -6.88 29.34
CA LYS A 553 1.31 -7.92 30.32
C LYS A 553 2.55 -8.80 30.32
N LEU A 554 3.08 -9.13 29.16
CA LEU A 554 4.40 -9.76 29.18
C LEU A 554 5.45 -8.90 29.79
N GLU A 555 5.42 -7.62 29.53
CA GLU A 555 6.45 -6.73 30.05
C GLU A 555 6.39 -6.61 31.60
N THR A 556 5.21 -6.40 32.12
CA THR A 556 5.08 -5.97 33.54
C THR A 556 4.52 -7.05 34.44
N GLY A 557 3.92 -8.08 33.84
CA GLY A 557 3.18 -9.12 34.58
C GLY A 557 1.69 -8.91 34.60
N ASN A 558 1.19 -7.70 34.31
CA ASN A 558 -0.21 -7.42 34.31
C ASN A 558 -0.49 -6.46 33.16
N TYR A 559 -1.75 -6.38 32.71
CA TYR A 559 -2.18 -5.35 31.79
C TYR A 559 -1.96 -3.99 32.47
N THR A 560 -1.35 -3.05 31.76
CA THR A 560 -1.11 -1.75 32.33
C THR A 560 -2.41 -0.96 32.32
N ALA A 561 -2.40 0.29 32.76
CA ALA A 561 -3.65 1.05 32.71
C ALA A 561 -4.10 1.11 31.27
N LEU A 562 -3.18 1.47 30.37
CA LEU A 562 -3.57 1.63 28.97
C LEU A 562 -3.80 0.26 28.31
N GLY A 563 -3.00 -0.71 28.70
CA GLY A 563 -3.24 -2.07 28.23
C GLY A 563 -4.64 -2.57 28.55
N VAL A 564 -5.13 -2.28 29.77
CA VAL A 564 -6.51 -2.62 30.14
C VAL A 564 -7.51 -1.97 29.22
N ARG A 565 -7.28 -0.70 28.95
CA ARG A 565 -8.24 0.00 28.15
C ARG A 565 -8.22 -0.53 26.71
N ALA A 566 -7.03 -0.83 26.18
CA ALA A 566 -6.86 -1.33 24.81
C ALA A 566 -7.52 -2.73 24.71
N LYS A 567 -7.27 -3.58 25.68
CA LYS A 567 -7.91 -4.94 25.77
C LYS A 567 -9.44 -4.91 25.81
N ASP A 568 -10.02 -4.00 26.58
CA ASP A 568 -11.46 -3.92 26.64
C ASP A 568 -12.07 -3.34 25.36
N ALA A 569 -11.41 -2.32 24.81
CA ALA A 569 -11.82 -1.80 23.53
C ALA A 569 -11.85 -2.86 22.43
N ALA A 570 -10.80 -3.70 22.34
CA ALA A 570 -10.71 -4.83 21.44
C ALA A 570 -11.90 -5.81 21.61
N ALA A 571 -12.13 -6.20 22.86
CA ALA A 571 -13.19 -7.13 23.18
C ALA A 571 -14.51 -6.58 22.81
N GLN A 572 -14.76 -5.32 23.13
CA GLN A 572 -16.03 -4.76 22.79
C GLN A 572 -16.23 -4.56 21.30
N LEU A 573 -15.17 -4.14 20.62
CA LEU A 573 -15.26 -3.97 19.16
C LEU A 573 -15.60 -5.34 18.49
N LEU A 574 -14.94 -6.40 18.95
CA LEU A 574 -15.25 -7.74 18.42
C LEU A 574 -16.70 -8.16 18.68
N GLU A 575 -17.20 -7.79 19.84
CA GLU A 575 -18.54 -8.16 20.24
C GLU A 575 -19.56 -7.43 19.36
N VAL A 576 -19.44 -6.12 19.18
CA VAL A 576 -20.40 -5.39 18.38
C VAL A 576 -20.30 -5.74 16.87
N ALA A 577 -19.07 -5.90 16.37
CA ALA A 577 -18.87 -6.24 14.95
C ALA A 577 -19.56 -7.55 14.53
N TRP A 578 -19.63 -8.53 15.43
CA TRP A 578 -20.23 -9.83 15.14
C TRP A 578 -21.65 -9.62 14.63
N ASN A 579 -22.39 -8.62 15.13
CA ASN A 579 -23.75 -8.40 14.67
C ASN A 579 -23.78 -7.95 13.22
N TYR A 580 -22.64 -7.54 12.63
CA TYR A 580 -22.68 -7.06 11.25
C TYR A 580 -22.33 -8.14 10.23
N ASN A 581 -22.17 -9.38 10.69
CA ASN A 581 -22.00 -10.51 9.81
C ASN A 581 -23.30 -10.74 9.03
N ASP A 582 -23.25 -10.73 7.70
CA ASP A 582 -24.41 -10.99 6.88
C ASP A 582 -24.41 -12.44 6.42
N GLY A 583 -23.58 -13.29 6.97
CA GLY A 583 -23.34 -14.62 6.40
C GLY A 583 -22.24 -14.78 5.34
N VAL A 584 -21.82 -13.65 4.76
CA VAL A 584 -20.72 -13.63 3.79
C VAL A 584 -19.52 -12.85 4.34
N GLY A 585 -19.80 -11.74 5.01
CA GLY A 585 -18.75 -11.02 5.74
C GLY A 585 -19.33 -10.02 6.73
N ILE A 586 -18.43 -9.41 7.47
CA ILE A 586 -18.76 -8.42 8.46
C ILE A 586 -18.70 -7.15 7.69
N VAL A 587 -19.86 -6.55 7.48
CA VAL A 587 -20.00 -5.47 6.53
C VAL A 587 -20.93 -4.40 7.05
N THR A 588 -20.79 -3.20 6.52
CA THR A 588 -21.70 -2.09 6.81
C THR A 588 -21.88 -1.33 5.49
N GLU A 589 -22.88 -0.50 5.46
CA GLU A 589 -23.19 0.22 4.28
C GLU A 589 -22.29 1.44 4.21
N GLU A 590 -21.81 1.85 3.03
CA GLU A 590 -20.97 3.07 2.92
C GLU A 590 -21.53 3.93 1.83
N GLU A 591 -21.37 5.21 2.01
CA GLU A 591 -21.67 6.23 1.02
C GLU A 591 -20.43 6.58 0.26
N ARG A 592 -20.54 6.78 -1.04
CA ARG A 592 -19.43 7.10 -1.88
C ARG A 592 -19.69 8.35 -2.69
N GLU A 593 -19.39 9.46 -2.05
CA GLU A 593 -19.48 10.79 -2.66
C GLU A 593 -18.49 11.04 -3.74
N ASP A 594 -17.44 10.21 -3.75
CA ASP A 594 -16.48 10.23 -4.85
C ASP A 594 -16.94 9.67 -6.18
N TYR A 595 -18.07 8.97 -6.21
CA TYR A 595 -18.47 8.23 -7.40
C TYR A 595 -19.01 9.09 -8.54
N ASP A 596 -19.06 10.40 -8.36
CA ASP A 596 -19.24 11.27 -9.55
C ASP A 596 -18.04 11.15 -10.48
N ARG A 597 -16.90 10.73 -9.95
CA ARG A 597 -15.68 10.58 -10.79
C ARG A 597 -15.70 9.41 -11.79
N PHE A 598 -16.71 8.53 -11.71
CA PHE A 598 -16.97 7.63 -12.82
C PHE A 598 -17.31 8.41 -14.10
N PHE A 599 -17.95 9.57 -13.96
CA PHE A 599 -18.56 10.35 -15.07
C PHE A 599 -17.80 11.59 -15.46
N LYS A 600 -17.03 12.13 -14.58
CA LYS A 600 -16.30 13.36 -14.87
C LYS A 600 -15.21 13.19 -15.93
N LYS A 601 -15.08 14.21 -16.76
CA LYS A 601 -14.07 14.22 -17.78
C LYS A 601 -12.74 14.72 -17.27
N GLU A 602 -11.89 13.78 -16.85
CA GLU A 602 -10.63 14.13 -16.27
C GLU A 602 -9.52 13.13 -16.55
N VAL A 603 -9.65 12.26 -17.57
CA VAL A 603 -8.66 11.30 -17.95
C VAL A 603 -7.92 11.86 -19.12
N TYR A 604 -6.67 12.25 -18.86
CA TYR A 604 -5.92 12.99 -19.84
C TYR A 604 -5.30 12.12 -20.93
N PHE A 605 -5.34 12.60 -22.15
CA PHE A 605 -4.56 12.07 -23.26
C PHE A 605 -3.84 13.25 -23.96
N PRO A 606 -2.64 13.04 -24.35
CA PRO A 606 -1.93 14.06 -25.12
C PRO A 606 -2.49 14.31 -26.51
N ASN A 607 -2.24 15.53 -27.04
CA ASN A 607 -2.74 15.84 -28.39
C ASN A 607 -2.06 14.90 -29.37
N GLY A 608 -2.75 14.47 -30.39
CA GLY A 608 -2.09 13.70 -31.46
C GLY A 608 -2.04 12.19 -31.14
N TRP A 609 -2.56 11.73 -30.00
CA TRP A 609 -2.41 10.38 -29.58
C TRP A 609 -3.77 9.68 -29.71
N ASN A 610 -3.78 8.56 -30.43
N ASN A 610 -3.82 8.61 -30.53
CA ASN A 610 -4.99 7.82 -30.69
CA ASN A 610 -5.02 7.78 -30.73
C ASN A 610 -4.62 6.35 -30.75
C ASN A 610 -4.56 6.34 -30.68
N GLY A 611 -5.36 5.51 -30.03
CA GLY A 611 -5.10 4.12 -30.02
C GLY A 611 -6.31 3.33 -29.69
N THR A 612 -6.11 2.04 -29.42
CA THR A 612 -7.15 1.14 -29.08
C THR A 612 -6.98 0.68 -27.65
N PHE A 613 -8.04 0.77 -26.85
CA PHE A 613 -8.02 0.29 -25.46
C PHE A 613 -8.23 -1.24 -25.48
N GLY A 614 -7.98 -1.90 -24.35
CA GLY A 614 -8.14 -3.34 -24.29
C GLY A 614 -9.53 -3.83 -24.66
N GLN A 615 -10.54 -3.06 -24.28
CA GLN A 615 -11.91 -3.45 -24.49
C GLN A 615 -12.42 -3.14 -25.93
N GLY A 616 -11.56 -2.53 -26.75
CA GLY A 616 -11.66 -2.43 -28.20
C GLY A 616 -12.07 -1.10 -28.76
N ASN A 617 -12.35 -0.19 -27.84
CA ASN A 617 -12.72 1.18 -28.17
C ASN A 617 -11.52 2.05 -28.49
N GLN A 618 -11.69 2.94 -29.45
CA GLN A 618 -10.72 3.99 -29.77
C GLN A 618 -10.68 4.97 -28.61
N ILE A 619 -9.48 5.35 -28.28
CA ILE A 619 -9.14 6.20 -27.11
C ILE A 619 -8.20 7.27 -27.57
N PRO A 620 -8.44 8.55 -27.20
CA PRO A 620 -9.48 8.95 -26.30
C PRO A 620 -10.86 8.89 -26.89
N GLY A 621 -10.98 8.83 -28.20
CA GLY A 621 -12.33 8.91 -28.78
C GLY A 621 -12.86 10.37 -28.82
N SER A 622 -14.13 10.54 -29.09
CA SER A 622 -14.72 11.84 -29.39
C SER A 622 -15.46 12.43 -28.20
N SER A 623 -15.54 11.73 -27.09
CA SER A 623 -16.33 12.25 -26.01
C SER A 623 -15.37 13.01 -25.02
N THR A 624 -14.90 14.21 -25.41
CA THR A 624 -13.78 14.82 -24.67
C THR A 624 -14.07 16.27 -24.49
N ILE A 625 -13.26 16.89 -23.65
CA ILE A 625 -13.10 18.33 -23.51
C ILE A 625 -11.63 18.69 -23.56
N PRO A 626 -11.30 19.95 -23.81
CA PRO A 626 -9.88 20.32 -23.82
C PRO A 626 -9.27 20.17 -22.41
N SER A 627 -8.03 19.77 -22.32
CA SER A 627 -7.36 19.74 -21.01
C SER A 627 -7.22 21.13 -20.42
N ASP A 628 -7.02 21.21 -19.13
CA ASP A 628 -6.88 22.53 -18.46
C ASP A 628 -5.49 23.11 -18.67
N PRO A 629 -5.41 24.28 -19.35
CA PRO A 629 -4.04 24.75 -19.64
C PRO A 629 -3.27 25.17 -18.40
N GLN A 630 -3.95 25.44 -17.31
CA GLN A 630 -3.27 25.69 -16.05
C GLN A 630 -2.50 24.46 -15.56
N ARG A 631 -2.88 23.26 -15.97
CA ARG A 631 -2.12 22.06 -15.59
C ARG A 631 -0.95 21.75 -16.45
N GLY A 632 -0.68 22.62 -17.45
CA GLY A 632 0.51 22.54 -18.25
C GLY A 632 0.58 21.53 -19.36
N GLY A 633 -0.51 20.90 -19.76
CA GLY A 633 -0.54 20.01 -20.91
C GLY A 633 -1.11 20.66 -22.17
N ASN A 634 -1.41 19.82 -23.12
CA ASN A 634 -1.92 20.17 -24.40
C ASN A 634 -2.63 18.93 -24.97
N GLY A 635 -3.90 18.74 -24.64
CA GLY A 635 -4.55 17.48 -24.87
C GLY A 635 -6.00 17.55 -24.46
N VAL A 636 -6.55 16.38 -24.11
CA VAL A 636 -7.93 16.26 -23.83
C VAL A 636 -8.21 15.44 -22.57
N TYR A 637 -9.41 15.54 -22.02
CA TYR A 637 -9.93 14.64 -21.03
C TYR A 637 -11.11 13.84 -21.53
N THR A 638 -11.12 12.52 -21.29
CA THR A 638 -12.33 11.68 -21.39
C THR A 638 -12.73 11.30 -19.99
N SER A 639 -13.75 10.46 -19.82
CA SER A 639 -14.20 10.01 -18.55
C SER A 639 -13.77 8.58 -18.31
N PHE A 640 -13.82 8.20 -17.03
CA PHE A 640 -13.45 6.84 -16.58
C PHE A 640 -14.36 5.81 -17.27
N ALA A 641 -15.63 6.18 -17.37
CA ALA A 641 -16.62 5.28 -17.97
C ALA A 641 -16.56 5.17 -19.46
N ASP A 642 -16.21 6.19 -20.14
CA ASP A 642 -16.02 6.14 -21.60
C ASP A 642 -14.77 5.39 -21.97
N LEU A 643 -13.73 5.55 -21.16
CA LEU A 643 -12.49 4.77 -21.32
C LEU A 643 -12.72 3.27 -21.19
N ARG A 644 -13.64 2.89 -20.33
CA ARG A 644 -13.95 1.48 -19.97
C ARG A 644 -15.41 1.15 -20.28
N PRO A 645 -15.75 1.09 -21.57
CA PRO A 645 -17.18 0.92 -21.93
C PRO A 645 -17.80 -0.32 -21.39
N ASN A 646 -17.02 -1.36 -21.14
CA ASN A 646 -17.63 -2.58 -20.56
C ASN A 646 -18.18 -2.36 -19.17
N ILE A 647 -17.80 -1.29 -18.48
CA ILE A 647 -18.40 -1.03 -17.13
C ILE A 647 -19.92 -0.81 -17.20
N LYS A 648 -20.38 -0.38 -18.37
CA LYS A 648 -21.84 -0.20 -18.60
C LYS A 648 -22.62 -1.49 -18.72
N GLN A 649 -21.96 -2.63 -18.73
CA GLN A 649 -22.58 -3.92 -18.65
C GLN A 649 -22.65 -4.42 -17.20
N ASP A 650 -21.97 -3.77 -16.25
CA ASP A 650 -22.01 -4.23 -14.86
C ASP A 650 -23.48 -4.21 -14.33
N PRO A 651 -23.91 -5.21 -13.57
CA PRO A 651 -25.24 -5.20 -13.01
C PRO A 651 -25.55 -3.98 -12.16
N ALA A 652 -24.55 -3.33 -11.56
CA ALA A 652 -24.83 -2.18 -10.71
C ALA A 652 -24.75 -0.89 -11.44
N TRP A 653 -24.36 -0.91 -12.72
CA TRP A 653 -24.15 0.33 -13.40
C TRP A 653 -25.39 1.21 -13.57
N SER A 654 -26.52 0.64 -14.02
CA SER A 654 -27.72 1.49 -14.22
C SER A 654 -28.21 2.12 -12.93
N SER A 655 -28.18 1.41 -11.81
CA SER A 655 -28.48 2.15 -10.54
C SER A 655 -27.55 3.31 -10.22
N LEU A 656 -26.23 3.10 -10.39
CA LEU A 656 -25.29 4.21 -10.21
C LEU A 656 -25.61 5.41 -11.16
N GLU A 657 -25.76 5.12 -12.45
CA GLU A 657 -26.01 6.19 -13.40
C GLU A 657 -27.34 6.95 -13.05
N SER A 658 -28.36 6.19 -12.70
CA SER A 658 -29.64 6.77 -12.35
C SER A 658 -29.51 7.67 -11.09
N LYS A 659 -28.80 7.16 -10.08
CA LYS A 659 -28.52 7.98 -8.90
C LYS A 659 -27.73 9.24 -9.24
N TYR A 660 -26.78 9.16 -10.16
CA TYR A 660 -26.01 10.34 -10.55
C TYR A 660 -26.92 11.36 -11.21
N GLN A 661 -27.78 10.86 -12.09
CA GLN A 661 -28.72 11.74 -12.87
C GLN A 661 -29.66 12.46 -11.95
N SER A 662 -30.17 11.76 -10.96
CA SER A 662 -31.14 12.34 -10.06
C SER A 662 -30.59 13.05 -8.85
N SER A 663 -29.32 12.84 -8.46
CA SER A 663 -28.86 13.45 -7.22
C SER A 663 -27.67 14.36 -7.38
N PHE A 664 -26.80 14.14 -8.38
CA PHE A 664 -25.56 14.92 -8.49
C PHE A 664 -25.85 16.16 -9.31
N ASN A 665 -25.41 17.29 -8.81
CA ASN A 665 -25.52 18.55 -9.50
C ASN A 665 -24.18 18.89 -10.04
N GLU A 666 -24.07 18.81 -11.35
CA GLU A 666 -22.81 19.07 -12.07
C GLU A 666 -22.32 20.50 -11.90
N ALA A 667 -23.23 21.45 -11.77
CA ALA A 667 -22.82 22.87 -11.65
C ALA A 667 -22.21 23.17 -10.29
N THR A 668 -22.70 22.56 -9.23
CA THR A 668 -22.12 22.78 -7.90
C THR A 668 -21.12 21.70 -7.54
N GLY A 669 -21.11 20.58 -8.27
CA GLY A 669 -20.25 19.46 -7.92
C GLY A 669 -20.72 18.78 -6.63
N LYS A 670 -22.02 18.81 -6.32
CA LYS A 670 -22.46 18.18 -5.08
C LYS A 670 -23.59 17.21 -5.26
N TRP A 671 -23.60 16.20 -4.38
CA TRP A 671 -24.69 15.27 -4.34
C TRP A 671 -25.85 15.89 -3.50
N GLU A 672 -26.90 16.32 -4.16
CA GLU A 672 -28.02 17.01 -3.47
C GLU A 672 -29.04 16.11 -2.80
N ASN A 673 -29.25 14.92 -3.32
CA ASN A 673 -30.25 14.03 -2.75
C ASN A 673 -29.60 12.76 -2.29
N GLY A 674 -28.50 12.90 -1.57
CA GLY A 674 -27.69 11.73 -1.13
C GLY A 674 -26.75 11.14 -2.19
N ALA A 675 -25.67 10.53 -1.74
CA ALA A 675 -24.67 9.88 -2.59
C ALA A 675 -24.98 8.40 -2.76
N PRO A 676 -24.38 7.77 -3.76
CA PRO A 676 -24.50 6.33 -3.91
C PRO A 676 -24.04 5.57 -2.66
N VAL A 677 -24.70 4.45 -2.43
CA VAL A 677 -24.48 3.65 -1.25
C VAL A 677 -24.23 2.20 -1.61
N PHE A 678 -23.26 1.55 -0.95
CA PHE A 678 -22.84 0.20 -1.28
C PHE A 678 -22.53 -0.55 -0.02
N THR A 679 -22.70 -1.86 -0.05
CA THR A 679 -22.24 -2.72 1.04
C THR A 679 -21.21 -3.66 0.44
N TYR A 680 -19.95 -3.41 0.67
CA TYR A 680 -18.89 -4.17 0.01
C TYR A 680 -18.33 -5.26 0.85
N HIS A 681 -17.99 -6.39 0.21
CA HIS A 681 -17.29 -7.47 0.82
C HIS A 681 -15.85 -7.50 0.24
N ARG A 682 -14.96 -6.73 0.87
CA ARG A 682 -13.54 -6.68 0.44
C ARG A 682 -12.76 -7.78 1.04
N PHE A 683 -11.95 -8.45 0.23
CA PHE A 683 -11.12 -9.54 0.76
C PHE A 683 -10.22 -9.15 1.95
N TRP A 684 -9.39 -8.13 1.79
CA TRP A 684 -8.49 -7.74 2.89
C TRP A 684 -9.29 -7.39 4.15
N SER A 685 -10.38 -6.71 3.95
CA SER A 685 -11.13 -6.26 5.08
C SER A 685 -11.65 -7.46 5.89
N GLN A 686 -12.15 -8.48 5.17
CA GLN A 686 -12.61 -9.72 5.82
C GLN A 686 -11.53 -10.50 6.47
N VAL A 687 -10.34 -10.47 5.90
CA VAL A 687 -9.22 -11.09 6.54
C VAL A 687 -8.80 -10.31 7.82
N ASP A 688 -8.73 -8.98 7.70
CA ASP A 688 -8.43 -8.18 8.90
C ASP A 688 -9.44 -8.48 10.06
N MET A 689 -10.72 -8.63 9.73
CA MET A 689 -11.71 -9.04 10.74
C MET A 689 -11.49 -10.44 11.27
N ALA A 690 -11.31 -11.43 10.37
CA ALA A 690 -11.18 -12.82 10.82
C ALA A 690 -9.94 -12.93 11.72
N THR A 691 -8.82 -12.30 11.33
CA THR A 691 -7.59 -12.44 12.07
C THR A 691 -7.65 -11.74 13.43
N ALA A 692 -8.51 -10.75 13.56
CA ALA A 692 -8.67 -10.03 14.80
C ALA A 692 -9.34 -11.00 15.84
N TYR A 693 -10.35 -11.74 15.41
CA TYR A 693 -10.95 -12.78 16.29
C TYR A 693 -9.94 -13.77 16.72
N ALA A 694 -9.11 -14.20 15.80
CA ALA A 694 -8.17 -15.26 16.06
C ALA A 694 -7.12 -14.85 17.02
N GLU A 695 -6.62 -13.65 16.77
CA GLU A 695 -5.49 -13.17 17.60
C GLU A 695 -5.92 -12.76 19.01
N TYR A 696 -7.15 -12.27 19.15
CA TYR A 696 -7.70 -12.03 20.48
C TYR A 696 -7.77 -13.36 21.27
N HIS A 697 -8.32 -14.37 20.62
CA HIS A 697 -8.34 -15.68 21.20
C HIS A 697 -6.93 -16.15 21.58
N ARG A 698 -5.96 -16.08 20.69
CA ARG A 698 -4.67 -16.62 20.99
C ARG A 698 -3.87 -15.82 22.08
N LEU A 699 -3.89 -14.49 22.00
CA LEU A 699 -3.05 -13.67 22.84
C LEU A 699 -3.74 -13.33 24.13
N ILE A 700 -5.05 -13.16 24.09
CA ILE A 700 -5.76 -12.71 25.27
C ILE A 700 -6.50 -13.94 25.97
N ASN A 701 -7.46 -14.58 25.31
CA ASN A 701 -8.25 -15.71 25.89
C ASN A 701 -7.31 -16.82 26.33
N LEU A 702 -6.36 -17.24 25.53
CA LEU A 702 -5.39 -18.30 25.95
C LEU A 702 -4.15 -17.90 26.78
N GLU A 703 -3.75 -16.61 26.85
CA GLU A 703 -2.51 -16.17 27.60
C GLU A 703 -2.56 -14.72 28.23
#